data_3K2C
#
_entry.id   3K2C
#
_cell.length_a   38.810
_cell.length_b   73.860
_cell.length_c   63.590
_cell.angle_alpha   90.01
_cell.angle_beta   79.10
_cell.angle_gamma   90.02
#
_symmetry.space_group_name_H-M   'P 1'
#
loop_
_entity.id
_entity.type
_entity.pdbx_description
1 polymer 'Peptidyl-prolyl cis-trans isomerase'
2 non-polymer 1-METHOXY-2-[2-(2-METHOXY-ETHOXY]-ETHANE
3 non-polymer 1,2-ETHANEDIOL
4 non-polymer 'SULFATE ION'
5 water water
#
_entity_poly.entity_id   1
_entity_poly.type   'polypeptide(L)'
_entity_poly.pdbx_seq_one_letter_code
;MAHHHHHHMGTLEAQTQGPGSMAKEASGNVYFDVYANEESLGRIVMKLEDDIVPKTAKNFRTLCERPKGEGYKGSTFHRI
IPGFMVQGGDYTAHNGTGGRSIYGEKFPDENFELKHTKEGILSMANCGAHTNGSQFFITLGKTQWLDEKHVVFGEVVEGM
DVVHKIAKYGSESGQVKKGYRIEIRDCGVLGSN
;
_entity_poly.pdbx_strand_id   A,B,C,D
#
# COMPACT_ATOMS: atom_id res chain seq x y z
N THR A 16 -43.92 -11.12 -6.19
CA THR A 16 -43.92 -12.42 -6.94
C THR A 16 -43.24 -13.54 -6.16
N GLN A 17 -43.99 -14.60 -5.83
CA GLN A 17 -43.51 -15.64 -4.93
C GLN A 17 -43.02 -16.83 -5.74
N GLY A 18 -42.16 -17.63 -5.12
CA GLY A 18 -41.76 -18.90 -5.66
C GLY A 18 -40.28 -19.13 -5.55
N PRO A 19 -39.87 -20.40 -5.50
CA PRO A 19 -38.45 -20.74 -5.48
C PRO A 19 -37.71 -20.46 -6.80
N GLY A 20 -36.42 -20.10 -6.70
CA GLY A 20 -35.57 -19.90 -7.86
C GLY A 20 -34.72 -21.13 -8.14
N SER A 21 -34.33 -21.27 -9.40
CA SER A 21 -33.40 -22.33 -9.80
C SER A 21 -31.99 -22.03 -9.27
N MET A 22 -31.08 -22.99 -9.38
CA MET A 22 -29.71 -22.84 -8.81
C MET A 22 -28.89 -21.86 -9.65
N ALA A 23 -28.27 -20.88 -9.01
CA ALA A 23 -27.36 -19.94 -9.72
C ALA A 23 -26.28 -20.67 -10.50
N ALA A 26 -23.10 -21.01 -8.38
CA ALA A 26 -23.08 -21.73 -7.12
C ALA A 26 -22.84 -23.24 -7.34
N SER A 27 -22.86 -23.69 -8.59
CA SER A 27 -22.60 -25.11 -8.85
C SER A 27 -21.17 -25.45 -8.42
N GLY A 28 -21.00 -26.65 -7.93
CA GLY A 28 -19.73 -27.03 -7.36
C GLY A 28 -19.69 -26.74 -5.86
N ASN A 29 -20.40 -25.71 -5.37
CA ASN A 29 -20.36 -25.43 -3.90
C ASN A 29 -20.84 -26.62 -3.11
N VAL A 30 -20.28 -26.82 -1.91
CA VAL A 30 -20.70 -27.96 -1.11
C VAL A 30 -21.29 -27.46 0.18
N TYR A 31 -22.08 -28.33 0.81
CA TYR A 31 -22.73 -27.99 2.07
C TYR A 31 -22.64 -29.07 3.09
N PHE A 32 -22.67 -28.65 4.35
CA PHE A 32 -22.80 -29.50 5.49
C PHE A 32 -24.07 -29.06 6.25
N ASP A 33 -25.01 -29.97 6.52
CA ASP A 33 -26.03 -29.75 7.55
C ASP A 33 -25.55 -30.30 8.89
N VAL A 34 -25.32 -29.39 9.83
CA VAL A 34 -24.67 -29.66 11.08
C VAL A 34 -25.69 -29.74 12.20
N TYR A 35 -25.51 -30.76 13.03
CA TYR A 35 -26.39 -31.10 14.16
C TYR A 35 -25.62 -31.28 15.46
N ALA A 36 -26.18 -30.79 16.55
CA ALA A 36 -25.68 -31.09 17.86
C ALA A 36 -26.66 -32.12 18.45
N ASN A 37 -26.22 -33.38 18.53
CA ASN A 37 -27.14 -34.51 18.80
C ASN A 37 -28.28 -34.44 17.79
N GLU A 38 -29.55 -34.30 18.19
CA GLU A 38 -30.62 -34.18 17.18
C GLU A 38 -31.04 -32.73 16.86
N GLU A 39 -30.33 -31.76 17.41
CA GLU A 39 -30.72 -30.38 17.15
C GLU A 39 -29.92 -29.82 16.00
N SER A 40 -30.62 -29.29 15.00
CA SER A 40 -30.04 -28.64 13.87
C SER A 40 -29.34 -27.36 14.23
N LEU A 41 -28.06 -27.24 13.85
CA LEU A 41 -27.36 -25.97 14.04
C LEU A 41 -27.51 -25.06 12.85
N GLY A 42 -27.72 -25.68 11.68
CA GLY A 42 -27.90 -24.98 10.45
C GLY A 42 -26.95 -25.51 9.36
N ARG A 43 -26.91 -24.76 8.26
CA ARG A 43 -26.13 -25.17 7.08
C ARG A 43 -24.89 -24.33 6.87
N ILE A 44 -23.77 -24.99 6.56
CA ILE A 44 -22.56 -24.32 6.11
C ILE A 44 -22.38 -24.63 4.62
N VAL A 45 -22.15 -23.62 3.82
CA VAL A 45 -21.92 -23.76 2.40
C VAL A 45 -20.52 -23.23 2.13
N MET A 46 -19.76 -24.00 1.34
CA MET A 46 -18.38 -23.73 1.11
C MET A 46 -18.15 -23.67 -0.37
N LYS A 47 -17.37 -22.67 -0.79
CA LYS A 47 -16.85 -22.54 -2.13
C LYS A 47 -15.43 -23.14 -2.13
N LEU A 48 -15.17 -24.00 -3.11
CA LEU A 48 -13.84 -24.59 -3.28
C LEU A 48 -13.05 -23.97 -4.42
N GLU A 49 -11.74 -23.88 -4.27
CA GLU A 49 -10.90 -23.19 -5.26
C GLU A 49 -10.33 -24.20 -6.25
N ASP A 50 -11.21 -24.81 -7.01
CA ASP A 50 -10.81 -25.82 -8.03
C ASP A 50 -9.74 -25.31 -9.02
N ASP A 51 -9.79 -24.06 -9.42
CA ASP A 51 -8.82 -23.56 -10.37
C ASP A 51 -7.40 -23.51 -9.72
N ILE A 52 -7.32 -23.30 -8.40
CA ILE A 52 -6.02 -23.12 -7.71
C ILE A 52 -5.48 -24.42 -7.15
N VAL A 53 -6.36 -25.23 -6.56
CA VAL A 53 -5.99 -26.50 -5.92
C VAL A 53 -6.99 -27.59 -6.35
N PRO A 54 -6.87 -28.06 -7.60
CA PRO A 54 -7.86 -28.96 -8.16
C PRO A 54 -7.96 -30.29 -7.49
N LYS A 55 -6.84 -30.90 -7.12
CA LYS A 55 -6.94 -32.23 -6.52
C LYS A 55 -7.44 -32.16 -5.08
N THR A 56 -7.06 -31.09 -4.39
CA THR A 56 -7.46 -30.92 -2.99
C THR A 56 -8.99 -30.64 -2.94
N ALA A 57 -9.46 -29.75 -3.82
CA ALA A 57 -10.90 -29.47 -4.00
C ALA A 57 -11.70 -30.72 -4.39
N LYS A 58 -11.16 -31.52 -5.33
CA LYS A 58 -11.79 -32.76 -5.75
C LYS A 58 -11.97 -33.77 -4.66
N ASN A 59 -10.93 -33.92 -3.84
CA ASN A 59 -10.94 -34.82 -2.72
C ASN A 59 -12.07 -34.41 -1.79
N PHE A 60 -12.07 -33.16 -1.36
CA PHE A 60 -13.11 -32.70 -0.43
C PHE A 60 -14.55 -32.81 -1.00
N ARG A 61 -14.76 -32.31 -2.23
CA ARG A 61 -16.09 -32.41 -2.86
C ARG A 61 -16.55 -33.87 -2.97
N THR A 62 -15.67 -34.76 -3.44
CA THR A 62 -16.02 -36.15 -3.58
C THR A 62 -16.40 -36.76 -2.22
N LEU A 63 -15.65 -36.46 -1.18
CA LEU A 63 -15.95 -36.94 0.16
C LEU A 63 -17.29 -36.37 0.69
N CYS A 64 -17.70 -35.21 0.19
CA CYS A 64 -19.05 -34.71 0.50
C CYS A 64 -20.18 -35.52 -0.22
N GLU A 65 -19.90 -36.03 -1.44
CA GLU A 65 -20.92 -36.71 -2.28
C GLU A 65 -21.03 -38.20 -1.97
N ARG A 66 -20.00 -38.81 -1.38
CA ARG A 66 -19.99 -40.27 -1.16
C ARG A 66 -20.93 -40.72 -0.02
N PRO A 67 -21.28 -42.02 0.00
CA PRO A 67 -22.23 -42.41 1.03
C PRO A 67 -21.61 -42.47 2.41
N LYS A 68 -22.46 -42.58 3.43
CA LYS A 68 -22.02 -42.74 4.81
C LYS A 68 -20.98 -43.87 4.90
N GLY A 69 -19.97 -43.68 5.74
CA GLY A 69 -18.85 -44.62 5.88
C GLY A 69 -17.77 -44.50 4.82
N GLU A 70 -18.06 -43.77 3.73
CA GLU A 70 -17.08 -43.58 2.67
C GLU A 70 -16.78 -42.11 2.46
N GLY A 71 -17.32 -41.26 3.34
CA GLY A 71 -17.10 -39.86 3.23
C GLY A 71 -17.62 -39.18 4.47
N TYR A 72 -17.91 -37.90 4.34
CA TYR A 72 -18.20 -37.09 5.48
C TYR A 72 -19.56 -37.26 6.09
N LYS A 73 -20.49 -37.82 5.33
CA LYS A 73 -21.84 -37.99 5.78
C LYS A 73 -21.88 -38.86 7.04
N GLY A 74 -22.43 -38.29 8.11
CA GLY A 74 -22.55 -39.01 9.37
C GLY A 74 -21.26 -38.96 10.21
N SER A 75 -20.26 -38.18 9.78
CA SER A 75 -19.04 -37.96 10.58
C SER A 75 -19.16 -36.74 11.51
N THR A 76 -18.10 -36.47 12.31
CA THR A 76 -18.19 -35.46 13.35
C THR A 76 -17.10 -34.37 13.27
N PHE A 77 -17.35 -33.29 13.98
CA PHE A 77 -16.32 -32.32 14.32
C PHE A 77 -15.75 -32.80 15.67
N HIS A 78 -14.59 -33.40 15.61
CA HIS A 78 -13.99 -34.01 16.79
C HIS A 78 -13.00 -33.16 17.61
N ARG A 79 -12.61 -31.99 17.11
CA ARG A 79 -11.64 -31.16 17.82
C ARG A 79 -12.11 -29.72 17.60
N ILE A 80 -12.61 -29.10 18.65
CA ILE A 80 -13.27 -27.80 18.53
C ILE A 80 -12.63 -26.87 19.55
N ILE A 81 -11.92 -25.85 19.04
CA ILE A 81 -11.16 -24.90 19.82
C ILE A 81 -11.62 -23.45 19.62
N PRO A 82 -12.41 -22.91 20.57
CA PRO A 82 -12.91 -21.57 20.49
C PRO A 82 -11.80 -20.56 20.25
N GLY A 83 -12.02 -19.64 19.33
CA GLY A 83 -11.03 -18.61 19.03
C GLY A 83 -9.96 -19.03 18.03
N PHE A 84 -9.96 -20.29 17.62
CA PHE A 84 -8.93 -20.83 16.78
C PHE A 84 -9.55 -21.52 15.56
N MET A 85 -10.12 -22.73 15.71
CA MET A 85 -10.68 -23.41 14.55
C MET A 85 -11.56 -24.60 14.98
N VAL A 86 -12.34 -25.14 14.05
CA VAL A 86 -13.07 -26.38 14.24
C VAL A 86 -12.62 -27.40 13.17
N GLN A 87 -12.45 -28.64 13.57
CA GLN A 87 -11.81 -29.67 12.73
C GLN A 87 -12.67 -30.94 12.69
N GLY A 88 -12.78 -31.53 11.49
CA GLY A 88 -13.46 -32.78 11.25
C GLY A 88 -12.82 -33.55 10.11
N GLY A 89 -13.58 -34.47 9.56
CA GLY A 89 -13.15 -35.22 8.40
C GLY A 89 -12.56 -36.57 8.76
N ASP A 90 -12.49 -36.91 10.07
CA ASP A 90 -11.96 -38.23 10.45
C ASP A 90 -13.13 -39.21 10.46
N TYR A 91 -13.50 -39.67 9.28
CA TYR A 91 -14.75 -40.43 9.19
C TYR A 91 -14.55 -41.91 9.43
N THR A 92 -13.31 -42.34 9.72
CA THR A 92 -13.06 -43.72 10.04
C THR A 92 -12.85 -43.99 11.56
N ALA A 93 -12.18 -43.06 12.27
CA ALA A 93 -11.87 -43.21 13.70
C ALA A 93 -12.49 -42.13 14.61
N HIS A 94 -12.94 -41.04 14.00
CA HIS A 94 -13.65 -40.02 14.80
C HIS A 94 -12.82 -39.38 15.92
N ASN A 95 -11.50 -39.41 15.77
CA ASN A 95 -10.67 -38.87 16.83
C ASN A 95 -9.42 -38.13 16.39
N GLY A 96 -9.21 -37.96 15.09
CA GLY A 96 -8.02 -37.30 14.61
C GLY A 96 -6.95 -38.25 14.12
N THR A 97 -7.13 -39.54 14.36
CA THR A 97 -6.08 -40.47 13.89
C THR A 97 -6.38 -41.11 12.54
N GLY A 98 -7.59 -40.89 12.00
CA GLY A 98 -8.03 -41.66 10.84
C GLY A 98 -8.34 -40.78 9.67
N GLY A 99 -9.30 -41.24 8.87
CA GLY A 99 -9.67 -40.60 7.61
C GLY A 99 -8.83 -41.17 6.48
N ARG A 100 -9.32 -41.07 5.26
CA ARG A 100 -8.62 -41.56 4.05
C ARG A 100 -9.04 -40.67 2.90
N SER A 101 -8.09 -40.13 2.15
CA SER A 101 -8.41 -39.39 0.95
C SER A 101 -9.00 -40.34 -0.09
N ILE A 102 -9.60 -39.78 -1.11
CA ILE A 102 -10.19 -40.57 -2.22
C ILE A 102 -9.10 -41.19 -3.10
N TYR A 103 -7.89 -40.70 -2.93
CA TYR A 103 -6.73 -41.29 -3.63
C TYR A 103 -6.17 -42.54 -2.94
N GLY A 104 -6.65 -42.86 -1.74
CA GLY A 104 -6.34 -44.15 -1.14
C GLY A 104 -5.26 -44.04 -0.10
N GLU A 105 -4.44 -42.98 -0.20
CA GLU A 105 -3.60 -42.61 0.92
C GLU A 105 -3.07 -41.20 0.83
N LYS A 106 -2.20 -40.84 1.76
CA LYS A 106 -1.73 -39.48 1.97
C LYS A 106 -1.30 -38.91 0.65
N PHE A 107 -1.68 -37.67 0.39
CA PHE A 107 -1.33 -37.01 -0.85
C PHE A 107 -0.54 -35.73 -0.57
N PRO A 108 0.26 -35.27 -1.57
CA PRO A 108 1.11 -34.12 -1.39
C PRO A 108 0.39 -32.82 -1.15
N ASP A 109 1.10 -31.86 -0.55
CA ASP A 109 0.63 -30.50 -0.48
C ASP A 109 0.64 -29.94 -1.91
N GLU A 110 -0.53 -29.63 -2.45
CA GLU A 110 -0.62 -29.28 -3.87
C GLU A 110 0.07 -27.94 -4.20
N ASN A 111 -0.20 -26.94 -3.37
CA ASN A 111 0.54 -25.67 -3.34
C ASN A 111 0.05 -24.90 -2.10
N PHE A 112 0.73 -23.79 -1.81
CA PHE A 112 0.35 -22.90 -0.71
C PHE A 112 0.06 -21.51 -1.24
N GLU A 113 -0.64 -21.44 -2.35
CA GLU A 113 -1.01 -20.18 -2.94
C GLU A 113 -2.03 -19.38 -2.08
N LEU A 114 -2.98 -20.07 -1.47
CA LEU A 114 -3.99 -19.43 -0.62
C LEU A 114 -3.56 -19.42 0.85
N LYS A 115 -4.01 -18.40 1.58
CA LYS A 115 -3.47 -18.12 2.93
C LYS A 115 -4.63 -18.11 3.94
N HIS A 116 -4.30 -18.25 5.22
CA HIS A 116 -5.30 -18.31 6.30
C HIS A 116 -5.56 -16.89 6.79
N THR A 117 -6.31 -16.14 6.00
CA THR A 117 -6.33 -14.67 6.10
C THR A 117 -7.43 -14.16 7.01
N LYS A 118 -8.38 -15.01 7.36
CA LYS A 118 -9.60 -14.56 8.00
C LYS A 118 -10.34 -15.77 8.56
N GLU A 119 -11.38 -15.52 9.34
CA GLU A 119 -12.34 -16.52 9.73
C GLU A 119 -13.03 -17.11 8.53
N GLY A 120 -13.39 -18.39 8.63
CA GLY A 120 -14.16 -19.04 7.59
C GLY A 120 -13.29 -19.63 6.48
N ILE A 121 -11.99 -19.73 6.70
CA ILE A 121 -11.09 -20.41 5.71
C ILE A 121 -11.11 -21.91 5.98
N LEU A 122 -11.11 -22.67 4.90
CA LEU A 122 -11.25 -24.12 4.84
C LEU A 122 -9.89 -24.57 4.34
N SER A 123 -9.27 -25.41 5.17
CA SER A 123 -7.92 -25.82 5.00
C SER A 123 -7.71 -27.27 5.44
N MET A 124 -6.69 -27.92 4.87
CA MET A 124 -6.40 -29.30 5.23
C MET A 124 -5.64 -29.46 6.55
N ALA A 125 -6.18 -30.33 7.43
CA ALA A 125 -5.44 -30.82 8.59
C ALA A 125 -4.42 -31.87 8.07
N ASN A 126 -3.32 -32.06 8.78
CA ASN A 126 -2.32 -32.99 8.33
C ASN A 126 -1.45 -33.31 9.52
N CYS A 127 -0.49 -34.15 9.33
CA CYS A 127 0.44 -34.42 10.43
C CYS A 127 1.84 -34.23 9.93
N GLY A 128 2.06 -33.17 9.14
CA GLY A 128 3.38 -32.89 8.56
C GLY A 128 3.29 -32.72 7.05
N ALA A 129 4.42 -32.34 6.44
CA ALA A 129 4.49 -32.18 4.99
C ALA A 129 3.93 -33.42 4.29
N HIS A 130 3.11 -33.15 3.28
CA HIS A 130 2.66 -34.14 2.35
C HIS A 130 1.94 -35.29 3.02
N THR A 131 1.05 -34.95 3.96
CA THR A 131 0.24 -35.95 4.64
C THR A 131 -1.24 -35.73 4.62
N ASN A 132 -1.75 -35.07 3.57
CA ASN A 132 -3.18 -34.84 3.42
C ASN A 132 -4.01 -36.12 3.30
N GLY A 133 -5.08 -36.21 4.08
CA GLY A 133 -5.99 -37.39 4.00
C GLY A 133 -7.40 -36.88 3.72
N SER A 134 -8.25 -36.86 4.75
CA SER A 134 -9.57 -36.33 4.59
C SER A 134 -9.92 -35.31 5.69
N GLN A 135 -9.06 -35.13 6.67
CA GLN A 135 -9.34 -34.18 7.79
C GLN A 135 -9.10 -32.74 7.35
N PHE A 136 -9.96 -31.82 7.80
CA PHE A 136 -10.00 -30.42 7.38
C PHE A 136 -10.37 -29.59 8.60
N PHE A 137 -10.12 -28.29 8.55
CA PHE A 137 -10.62 -27.38 9.60
C PHE A 137 -11.16 -26.13 8.99
N ILE A 138 -11.96 -25.43 9.78
CA ILE A 138 -12.49 -24.15 9.37
C ILE A 138 -12.05 -23.18 10.43
N THR A 139 -11.47 -22.04 10.02
CA THR A 139 -10.82 -21.18 10.93
C THR A 139 -11.89 -20.30 11.58
N LEU A 140 -11.62 -19.93 12.83
CA LEU A 140 -12.43 -18.93 13.57
C LEU A 140 -11.82 -17.50 13.62
N GLY A 141 -10.79 -17.30 12.82
CA GLY A 141 -10.03 -16.01 12.79
C GLY A 141 -8.91 -16.15 11.81
N LYS A 142 -8.15 -15.07 11.59
CA LYS A 142 -6.89 -15.14 10.88
C LYS A 142 -5.92 -16.05 11.65
N THR A 143 -5.26 -17.01 10.99
CA THR A 143 -4.30 -17.90 11.63
C THR A 143 -3.08 -18.00 10.76
N GLN A 144 -2.33 -16.89 10.66
CA GLN A 144 -1.22 -16.77 9.75
C GLN A 144 -0.11 -17.75 10.02
N TRP A 145 0.02 -18.23 11.26
CA TRP A 145 1.05 -19.24 11.57
C TRP A 145 0.84 -20.62 10.87
N LEU A 146 -0.32 -20.80 10.24
CA LEU A 146 -0.60 -22.05 9.52
C LEU A 146 -0.23 -21.94 8.01
N ASP A 147 0.04 -20.72 7.56
CA ASP A 147 0.39 -20.53 6.14
C ASP A 147 1.66 -21.35 5.81
N GLU A 148 1.67 -21.97 4.65
CA GLU A 148 2.78 -22.83 4.18
C GLU A 148 2.95 -24.13 4.95
N LYS A 149 2.05 -24.40 5.89
CA LYS A 149 1.99 -25.65 6.61
C LYS A 149 0.72 -26.45 6.31
N HIS A 150 -0.39 -25.77 5.99
CA HIS A 150 -1.66 -26.40 5.68
C HIS A 150 -2.18 -25.83 4.38
N VAL A 151 -2.65 -26.71 3.50
CA VAL A 151 -3.18 -26.30 2.20
C VAL A 151 -4.60 -25.73 2.31
N VAL A 152 -4.72 -24.44 2.00
CA VAL A 152 -6.00 -23.74 1.95
C VAL A 152 -6.67 -24.06 0.63
N PHE A 153 -7.95 -24.47 0.66
CA PHE A 153 -8.66 -24.82 -0.56
C PHE A 153 -10.04 -24.28 -0.72
N GLY A 154 -10.48 -23.45 0.21
CA GLY A 154 -11.80 -22.91 0.05
C GLY A 154 -12.18 -21.99 1.17
N GLU A 155 -13.43 -21.59 1.14
CA GLU A 155 -13.97 -20.72 2.20
C GLU A 155 -15.45 -20.85 2.41
N VAL A 156 -15.88 -20.47 3.62
CA VAL A 156 -17.27 -20.45 3.94
C VAL A 156 -17.94 -19.26 3.27
N VAL A 157 -18.98 -19.51 2.50
CA VAL A 157 -19.73 -18.43 1.83
C VAL A 157 -21.18 -18.19 2.35
N GLU A 158 -21.76 -19.21 3.03
CA GLU A 158 -22.97 -19.04 3.85
C GLU A 158 -22.84 -19.85 5.15
N GLY A 159 -23.40 -19.34 6.23
CA GLY A 159 -23.42 -20.13 7.46
C GLY A 159 -22.16 -20.05 8.30
N MET A 160 -21.41 -18.97 8.16
CA MET A 160 -20.33 -18.70 9.09
C MET A 160 -20.84 -18.65 10.57
N ASP A 161 -22.05 -18.15 10.77
CA ASP A 161 -22.66 -18.15 12.12
C ASP A 161 -22.83 -19.61 12.68
N VAL A 162 -22.99 -20.61 11.80
CA VAL A 162 -23.18 -22.05 12.20
C VAL A 162 -21.78 -22.55 12.68
N VAL A 163 -20.71 -22.08 12.04
CA VAL A 163 -19.34 -22.36 12.52
C VAL A 163 -19.11 -21.84 13.95
N HIS A 164 -19.56 -20.61 14.24
CA HIS A 164 -19.48 -20.09 15.59
C HIS A 164 -20.34 -20.87 16.60
N LYS A 165 -21.50 -21.36 16.19
CA LYS A 165 -22.27 -22.29 17.05
C LYS A 165 -21.53 -23.55 17.39
N ILE A 166 -20.85 -24.15 16.43
CA ILE A 166 -20.03 -25.32 16.68
C ILE A 166 -19.01 -25.07 17.79
N ALA A 167 -18.37 -23.91 17.76
CA ALA A 167 -17.39 -23.53 18.70
C ALA A 167 -17.91 -23.50 20.13
N LYS A 168 -19.20 -23.19 20.32
CA LYS A 168 -19.81 -23.27 21.68
C LYS A 168 -19.68 -24.64 22.40
N TYR A 169 -19.37 -25.69 21.63
CA TYR A 169 -19.40 -27.09 22.15
C TYR A 169 -17.98 -27.61 22.35
N GLY A 170 -17.00 -26.71 22.27
CA GLY A 170 -15.61 -27.06 22.48
C GLY A 170 -14.99 -26.51 23.74
N SER A 171 -13.67 -26.43 23.72
CA SER A 171 -12.82 -26.10 24.91
C SER A 171 -11.42 -25.75 24.46
N GLU A 172 -10.62 -25.19 25.39
CA GLU A 172 -9.22 -24.90 25.15
C GLU A 172 -8.47 -26.12 24.60
N SER A 173 -8.79 -27.29 25.13
CA SER A 173 -8.07 -28.53 24.78
C SER A 173 -8.55 -29.13 23.46
N GLY A 174 -9.70 -28.66 22.99
CA GLY A 174 -10.33 -29.22 21.81
C GLY A 174 -11.40 -30.26 22.09
N GLN A 175 -11.49 -30.72 23.33
CA GLN A 175 -12.45 -31.75 23.69
C GLN A 175 -13.88 -31.21 23.46
N VAL A 176 -14.78 -32.08 23.03
CA VAL A 176 -16.13 -31.70 22.71
C VAL A 176 -16.95 -31.90 23.98
N LYS A 177 -17.85 -30.96 24.27
CA LYS A 177 -18.74 -30.99 25.43
C LYS A 177 -19.33 -32.39 25.75
N LYS A 178 -19.28 -32.79 27.02
CA LYS A 178 -19.72 -34.10 27.43
C LYS A 178 -21.15 -34.30 26.99
N GLY A 179 -21.46 -35.44 26.41
CA GLY A 179 -22.86 -35.71 26.02
C GLY A 179 -23.25 -35.29 24.64
N TYR A 180 -22.36 -34.59 23.94
CA TYR A 180 -22.58 -34.10 22.56
C TYR A 180 -21.76 -34.81 21.50
N ARG A 181 -22.42 -35.02 20.36
CA ARG A 181 -21.77 -35.35 19.09
C ARG A 181 -22.17 -34.31 18.11
N ILE A 182 -21.19 -33.62 17.53
CA ILE A 182 -21.49 -32.57 16.57
C ILE A 182 -21.29 -33.16 15.17
N GLU A 183 -22.40 -33.42 14.46
CA GLU A 183 -22.42 -34.38 13.35
C GLU A 183 -22.70 -33.66 12.07
N ILE A 184 -22.03 -34.11 11.01
CA ILE A 184 -22.39 -33.67 9.71
C ILE A 184 -23.48 -34.69 9.30
N ARG A 185 -24.74 -34.37 9.57
CA ARG A 185 -25.85 -35.31 9.32
C ARG A 185 -26.12 -35.50 7.83
N ASP A 186 -25.93 -34.47 7.05
CA ASP A 186 -26.03 -34.64 5.59
C ASP A 186 -25.08 -33.67 4.96
N CYS A 187 -24.67 -33.98 3.74
CA CYS A 187 -23.73 -33.15 3.02
C CYS A 187 -23.83 -33.50 1.53
N GLY A 188 -23.29 -32.63 0.71
CA GLY A 188 -23.39 -32.83 -0.75
C GLY A 188 -22.93 -31.62 -1.53
N VAL A 189 -23.18 -31.68 -2.83
CA VAL A 189 -22.95 -30.60 -3.76
C VAL A 189 -24.29 -29.95 -4.04
N LEU A 190 -24.33 -28.63 -4.05
CA LEU A 190 -25.51 -27.98 -4.64
C LEU A 190 -25.47 -28.31 -6.16
N GLY A 191 -26.62 -28.72 -6.69
CA GLY A 191 -26.69 -29.15 -8.09
C GLY A 191 -26.78 -30.66 -8.21
N THR B 16 3.15 35.49 -21.00
CA THR B 16 3.69 35.57 -19.60
C THR B 16 3.60 34.23 -18.89
N GLN B 17 4.72 33.75 -18.35
CA GLN B 17 4.78 32.43 -17.78
C GLN B 17 4.60 32.49 -16.26
N GLY B 18 4.20 31.36 -15.69
CA GLY B 18 4.17 31.19 -14.24
C GLY B 18 2.97 30.38 -13.82
N PRO B 19 3.05 29.76 -12.65
CA PRO B 19 1.84 29.13 -12.10
C PRO B 19 0.80 30.13 -11.58
N GLY B 20 -0.49 29.78 -11.74
CA GLY B 20 -1.58 30.53 -11.13
C GLY B 20 -2.00 29.95 -9.78
N SER B 21 -2.56 30.80 -8.93
CA SER B 21 -3.11 30.39 -7.66
C SER B 21 -4.42 29.57 -7.84
N MET B 22 -4.98 29.04 -6.76
CA MET B 22 -6.14 28.15 -6.87
C MET B 22 -7.38 29.01 -7.18
N ALA B 23 -8.21 28.56 -8.14
CA ALA B 23 -9.49 29.23 -8.43
C ALA B 23 -10.41 29.08 -7.24
N ALA B 26 -12.84 26.06 -7.49
CA ALA B 26 -12.38 24.68 -7.48
C ALA B 26 -12.12 24.18 -6.04
N SER B 27 -12.15 25.06 -5.05
CA SER B 27 -11.84 24.62 -3.69
C SER B 27 -12.92 23.61 -3.29
N GLY B 28 -12.55 22.66 -2.47
CA GLY B 28 -13.45 21.60 -2.11
C GLY B 28 -13.34 20.42 -3.08
N ASN B 29 -12.91 20.64 -4.33
CA ASN B 29 -12.79 19.53 -5.29
C ASN B 29 -11.78 18.55 -4.79
N VAL B 30 -11.98 17.26 -5.10
CA VAL B 30 -11.05 16.24 -4.65
C VAL B 30 -10.41 15.57 -5.85
N TYR B 31 -9.27 14.95 -5.60
CA TYR B 31 -8.54 14.30 -6.67
C TYR B 31 -8.02 12.98 -6.22
N PHE B 32 -7.82 12.11 -7.21
CA PHE B 32 -7.17 10.83 -7.05
C PHE B 32 -6.03 10.77 -8.07
N ASP B 33 -4.83 10.42 -7.64
CA ASP B 33 -3.75 10.05 -8.58
C ASP B 33 -3.67 8.52 -8.68
N VAL B 34 -4.02 7.99 -9.87
CA VAL B 34 -4.25 6.61 -10.06
C VAL B 34 -3.06 5.96 -10.76
N TYR B 35 -2.66 4.79 -10.24
CA TYR B 35 -1.53 4.04 -10.77
C TYR B 35 -1.94 2.64 -11.13
N ALA B 36 -1.33 2.11 -12.19
CA ALA B 36 -1.45 0.70 -12.48
C ALA B 36 -0.06 0.12 -12.14
N ASN B 37 -0.01 -0.61 -11.04
CA ASN B 37 1.25 -0.98 -10.38
C ASN B 37 2.04 0.32 -10.18
N GLU B 38 3.22 0.47 -10.75
CA GLU B 38 3.98 1.75 -10.56
C GLU B 38 3.79 2.74 -11.71
N GLU B 39 2.90 2.44 -12.64
CA GLU B 39 2.75 3.31 -13.78
C GLU B 39 1.62 4.26 -13.53
N SER B 40 1.90 5.56 -13.65
CA SER B 40 0.89 6.59 -13.49
C SER B 40 -0.13 6.58 -14.61
N LEU B 41 -1.40 6.46 -14.25
CA LEU B 41 -2.47 6.61 -15.26
C LEU B 41 -2.91 8.04 -15.42
N GLY B 42 -2.73 8.85 -14.39
CA GLY B 42 -3.11 10.25 -14.40
C GLY B 42 -3.98 10.61 -13.19
N ARG B 43 -4.50 11.82 -13.23
CA ARG B 43 -5.33 12.35 -12.12
C ARG B 43 -6.79 12.46 -12.48
N ILE B 44 -7.69 12.03 -11.57
CA ILE B 44 -9.12 12.28 -11.68
C ILE B 44 -9.46 13.37 -10.67
N VAL B 45 -10.16 14.38 -11.13
CA VAL B 45 -10.63 15.44 -10.23
C VAL B 45 -12.15 15.39 -10.23
N MET B 46 -12.73 15.48 -9.04
CA MET B 46 -14.14 15.32 -8.84
C MET B 46 -14.69 16.53 -8.09
N LYS B 47 -15.81 17.02 -8.61
CA LYS B 47 -16.60 18.01 -7.93
C LYS B 47 -17.68 17.29 -7.13
N LEU B 48 -17.83 17.65 -5.85
CA LEU B 48 -18.87 17.10 -4.97
C LEU B 48 -20.07 18.05 -4.74
N GLU B 49 -21.28 17.51 -4.72
CA GLU B 49 -22.47 18.37 -4.64
C GLU B 49 -22.86 18.61 -3.20
N ASP B 50 -22.01 19.33 -2.47
CA ASP B 50 -22.24 19.59 -1.03
C ASP B 50 -23.58 20.27 -0.72
N ASP B 51 -24.08 21.10 -1.62
CA ASP B 51 -25.36 21.75 -1.30
C ASP B 51 -26.50 20.72 -1.35
N ILE B 52 -26.38 19.62 -2.11
CA ILE B 52 -27.50 18.68 -2.31
C ILE B 52 -27.45 17.46 -1.42
N VAL B 53 -26.23 16.94 -1.24
CA VAL B 53 -25.97 15.78 -0.43
C VAL B 53 -24.75 16.07 0.49
N PRO B 54 -24.96 16.93 1.53
CA PRO B 54 -23.84 17.35 2.38
C PRO B 54 -23.16 16.26 3.16
N LYS B 55 -23.89 15.31 3.75
CA LYS B 55 -23.24 14.28 4.54
CA LYS B 55 -23.24 14.28 4.55
C LYS B 55 -22.51 13.26 3.66
N THR B 56 -23.07 13.01 2.50
CA THR B 56 -22.47 12.05 1.56
C THR B 56 -21.19 12.64 0.95
N ALA B 57 -21.25 13.90 0.58
CA ALA B 57 -20.07 14.64 0.09
C ALA B 57 -18.98 14.71 1.18
N LYS B 58 -19.37 15.04 2.42
CA LYS B 58 -18.43 15.12 3.55
C LYS B 58 -17.70 13.82 3.83
N ASN B 59 -18.43 12.71 3.78
CA ASN B 59 -17.85 11.41 3.94
C ASN B 59 -16.76 11.15 2.92
N PHE B 60 -17.10 11.33 1.67
CA PHE B 60 -16.16 11.09 0.60
C PHE B 60 -14.92 12.03 0.65
N ARG B 61 -15.16 13.32 0.83
CA ARG B 61 -14.06 14.28 0.93
C ARG B 61 -13.13 13.94 2.09
N THR B 62 -13.70 13.64 3.26
CA THR B 62 -12.92 13.35 4.45
C THR B 62 -12.09 12.08 4.25
N LEU B 63 -12.67 11.08 3.59
CA LEU B 63 -11.96 9.84 3.27
C LEU B 63 -10.82 10.08 2.24
N CYS B 64 -10.96 11.12 1.43
CA CYS B 64 -9.84 11.56 0.61
C CYS B 64 -8.70 12.25 1.39
N GLU B 65 -9.00 12.90 2.51
CA GLU B 65 -8.02 13.70 3.27
C GLU B 65 -7.32 12.86 4.35
N ARG B 66 -7.96 11.77 4.79
CA ARG B 66 -7.39 10.94 5.86
C ARG B 66 -6.13 10.14 5.45
N PRO B 67 -5.30 9.77 6.45
CA PRO B 67 -4.10 9.01 6.13
C PRO B 67 -4.39 7.59 5.63
N LYS B 68 -3.36 7.00 5.04
CA LYS B 68 -3.40 5.63 4.59
C LYS B 68 -3.92 4.73 5.71
N GLY B 69 -4.80 3.79 5.36
CA GLY B 69 -5.43 2.89 6.35
C GLY B 69 -6.71 3.40 6.98
N GLU B 70 -6.96 4.71 6.82
CA GLU B 70 -8.15 5.33 7.37
C GLU B 70 -8.97 6.03 6.30
N GLY B 71 -8.63 5.83 5.05
CA GLY B 71 -9.27 6.50 3.96
C GLY B 71 -8.81 5.87 2.67
N TYR B 72 -8.98 6.63 1.59
CA TYR B 72 -8.75 6.09 0.25
C TYR B 72 -7.31 5.96 -0.15
N LYS B 73 -6.43 6.69 0.53
CA LYS B 73 -5.04 6.72 0.14
C LYS B 73 -4.47 5.31 0.25
N GLY B 74 -3.91 4.82 -0.86
CA GLY B 74 -3.35 3.48 -0.95
C GLY B 74 -4.38 2.37 -1.15
N SER B 75 -5.63 2.71 -1.40
CA SER B 75 -6.67 1.70 -1.67
C SER B 75 -6.79 1.46 -3.18
N THR B 76 -7.65 0.51 -3.59
CA THR B 76 -7.69 0.07 -4.98
C THR B 76 -9.09 0.23 -5.64
N PHE B 77 -9.10 0.20 -6.98
CA PHE B 77 -10.30 -0.08 -7.77
C PHE B 77 -10.36 -1.61 -7.90
N HIS B 78 -11.22 -2.21 -7.12
CA HIS B 78 -11.30 -3.67 -7.03
C HIS B 78 -12.34 -4.32 -7.97
N ARG B 79 -13.21 -3.53 -8.57
CA ARG B 79 -14.24 -4.10 -9.47
C ARG B 79 -14.37 -3.20 -10.67
N ILE B 80 -13.92 -3.69 -11.84
CA ILE B 80 -13.80 -2.85 -13.02
C ILE B 80 -14.53 -3.53 -14.17
N ILE B 81 -15.62 -2.91 -14.62
CA ILE B 81 -16.48 -3.44 -15.67
C ILE B 81 -16.60 -2.49 -16.87
N PRO B 82 -15.89 -2.83 -17.96
CA PRO B 82 -15.92 -1.96 -19.12
C PRO B 82 -17.32 -1.82 -19.62
N GLY B 83 -17.64 -0.61 -20.06
CA GLY B 83 -18.99 -0.34 -20.57
C GLY B 83 -19.96 0.04 -19.45
N PHE B 84 -19.56 -0.10 -18.19
CA PHE B 84 -20.50 0.05 -17.09
C PHE B 84 -19.98 1.02 -16.02
N MET B 85 -19.01 0.60 -15.22
CA MET B 85 -18.52 1.49 -14.16
C MET B 85 -17.24 0.91 -13.54
N VAL B 86 -16.50 1.74 -12.85
CA VAL B 86 -15.36 1.31 -12.04
C VAL B 86 -15.67 1.63 -10.58
N GLN B 87 -15.24 0.77 -9.67
CA GLN B 87 -15.65 0.80 -8.26
C GLN B 87 -14.44 0.62 -7.35
N GLY B 88 -14.44 1.38 -6.26
CA GLY B 88 -13.38 1.40 -5.28
C GLY B 88 -13.90 1.80 -3.92
N GLY B 89 -12.98 2.17 -3.04
CA GLY B 89 -13.40 2.64 -1.74
C GLY B 89 -13.39 1.58 -0.66
N ASP B 90 -13.08 0.31 -1.00
CA ASP B 90 -13.03 -0.73 0.02
C ASP B 90 -11.64 -0.75 0.62
N TYR B 91 -11.38 0.17 1.52
CA TYR B 91 -9.99 0.36 1.97
C TYR B 91 -9.62 -0.56 3.14
N THR B 92 -10.52 -1.41 3.58
CA THR B 92 -10.21 -2.34 4.66
C THR B 92 -10.03 -3.80 4.19
N ALA B 93 -10.86 -4.23 3.23
CA ALA B 93 -10.76 -5.61 2.66
C ALA B 93 -10.37 -5.66 1.17
N HIS B 94 -10.42 -4.53 0.50
CA HIS B 94 -10.02 -4.49 -0.92
C HIS B 94 -10.79 -5.46 -1.85
N ASN B 95 -11.99 -5.89 -1.45
CA ASN B 95 -12.72 -6.83 -2.29
C ASN B 95 -14.21 -6.59 -2.48
N GLY B 96 -14.73 -5.46 -1.99
CA GLY B 96 -16.16 -5.20 -1.98
C GLY B 96 -16.92 -5.55 -0.70
N THR B 97 -16.28 -6.24 0.25
CA THR B 97 -16.98 -6.60 1.47
C THR B 97 -16.76 -5.61 2.60
N GLY B 98 -15.81 -4.67 2.43
CA GLY B 98 -15.38 -3.78 3.51
C GLY B 98 -15.69 -2.30 3.33
N GLY B 99 -14.84 -1.48 3.94
CA GLY B 99 -14.95 -0.01 3.90
C GLY B 99 -15.70 0.41 5.17
N ARG B 100 -15.55 1.64 5.60
CA ARG B 100 -16.26 2.18 6.76
C ARG B 100 -16.45 3.66 6.47
N SER B 101 -17.66 4.16 6.62
CA SER B 101 -17.89 5.60 6.50
C SER B 101 -17.18 6.28 7.68
N ILE B 102 -17.09 7.59 7.64
CA ILE B 102 -16.47 8.37 8.74
C ILE B 102 -17.43 8.42 9.95
N TYR B 103 -18.70 8.09 9.70
CA TYR B 103 -19.72 8.02 10.77
C TYR B 103 -19.64 6.70 11.58
N GLY B 104 -18.89 5.71 11.07
CA GLY B 104 -18.53 4.50 11.81
C GLY B 104 -19.59 3.42 11.78
N GLU B 105 -20.68 3.68 11.07
CA GLU B 105 -21.73 2.70 10.78
C GLU B 105 -22.19 3.02 9.35
N LYS B 106 -22.90 2.08 8.73
CA LYS B 106 -23.62 2.31 7.50
C LYS B 106 -24.55 3.50 7.74
N PHE B 107 -24.63 4.42 6.78
CA PHE B 107 -25.52 5.55 6.90
C PHE B 107 -26.63 5.58 5.85
N PRO B 108 -27.71 6.37 6.10
CA PRO B 108 -28.85 6.41 5.20
C PRO B 108 -28.59 6.99 3.85
N ASP B 109 -29.43 6.60 2.89
CA ASP B 109 -29.48 7.26 1.57
C ASP B 109 -30.01 8.66 1.82
N GLU B 110 -29.17 9.68 1.61
CA GLU B 110 -29.47 11.05 2.02
C GLU B 110 -30.63 11.65 1.20
N ASN B 111 -30.56 11.45 -0.11
CA ASN B 111 -31.65 11.70 -1.05
C ASN B 111 -31.22 11.13 -2.41
N PHE B 112 -32.14 11.16 -3.35
CA PHE B 112 -31.91 10.65 -4.69
C PHE B 112 -32.24 11.76 -5.68
N GLU B 113 -31.85 12.97 -5.35
CA GLU B 113 -32.09 14.09 -6.20
C GLU B 113 -31.25 14.07 -7.50
N LEU B 114 -30.03 13.57 -7.44
CA LEU B 114 -29.14 13.55 -8.61
C LEU B 114 -29.22 12.18 -9.27
N LYS B 115 -29.06 12.12 -10.59
CA LYS B 115 -29.31 10.90 -11.37
C LYS B 115 -28.04 10.51 -12.13
N HIS B 116 -28.03 9.28 -12.62
CA HIS B 116 -26.86 8.69 -13.28
C HIS B 116 -27.04 8.96 -14.78
N THR B 117 -26.79 10.19 -15.19
CA THR B 117 -27.29 10.70 -16.48
C THR B 117 -26.28 10.52 -17.58
N LYS B 118 -25.04 10.22 -17.20
CA LYS B 118 -23.94 10.24 -18.15
C LYS B 118 -22.72 9.54 -17.55
N GLU B 119 -21.70 9.37 -18.37
CA GLU B 119 -20.38 8.88 -17.93
C GLU B 119 -19.81 9.88 -16.99
N GLY B 120 -19.04 9.41 -16.01
CA GLY B 120 -18.29 10.35 -15.15
C GLY B 120 -19.10 10.74 -13.93
N ILE B 121 -20.23 10.09 -13.69
CA ILE B 121 -21.00 10.30 -12.44
C ILE B 121 -20.40 9.47 -11.28
N LEU B 122 -20.36 10.11 -10.10
CA LEU B 122 -19.77 9.61 -8.88
C LEU B 122 -20.94 9.32 -7.95
N SER B 123 -21.04 8.05 -7.57
CA SER B 123 -22.18 7.55 -6.86
C SER B 123 -21.79 6.51 -5.82
N MET B 124 -22.63 6.29 -4.79
CA MET B 124 -22.29 5.38 -3.72
C MET B 124 -22.63 3.94 -4.04
N ALA B 125 -21.66 3.05 -3.87
CA ALA B 125 -21.95 1.63 -3.90
C ALA B 125 -22.64 1.30 -2.61
N ASN B 126 -23.47 0.29 -2.62
CA ASN B 126 -24.14 -0.09 -1.37
C ASN B 126 -24.55 -1.55 -1.47
N CYS B 127 -25.16 -2.08 -0.42
CA CYS B 127 -25.68 -3.47 -0.51
C CYS B 127 -27.17 -3.49 -0.20
N GLY B 128 -27.88 -2.43 -0.61
CA GLY B 128 -29.30 -2.27 -0.33
C GLY B 128 -29.58 -0.90 0.26
N ALA B 129 -30.87 -0.65 0.50
CA ALA B 129 -31.31 0.64 1.06
C ALA B 129 -30.55 0.98 2.34
N HIS B 130 -30.07 2.22 2.41
CA HIS B 130 -29.50 2.74 3.64
C HIS B 130 -28.31 1.92 4.16
N THR B 131 -27.42 1.54 3.24
CA THR B 131 -26.21 0.83 3.57
C THR B 131 -24.92 1.50 3.08
N ASN B 132 -24.94 2.83 2.94
CA ASN B 132 -23.75 3.54 2.54
C ASN B 132 -22.57 3.38 3.51
N GLY B 133 -21.39 3.06 2.95
CA GLY B 133 -20.14 2.93 3.78
C GLY B 133 -19.11 3.90 3.22
N SER B 134 -18.12 3.38 2.53
CA SER B 134 -17.10 4.18 1.88
C SER B 134 -16.91 3.79 0.40
N GLN B 135 -17.59 2.76 -0.08
CA GLN B 135 -17.40 2.28 -1.46
C GLN B 135 -18.19 3.17 -2.41
N PHE B 136 -17.61 3.47 -3.58
CA PHE B 136 -18.17 4.39 -4.56
C PHE B 136 -17.87 3.82 -5.96
N PHE B 137 -18.55 4.31 -6.96
CA PHE B 137 -18.22 4.01 -8.38
C PHE B 137 -18.28 5.25 -9.23
N ILE B 138 -17.65 5.14 -10.39
CA ILE B 138 -17.67 6.16 -11.38
C ILE B 138 -18.21 5.50 -12.63
N THR B 139 -19.25 6.08 -13.22
CA THR B 139 -19.90 5.49 -14.34
C THR B 139 -19.10 5.73 -15.65
N LEU B 140 -19.21 4.76 -16.55
CA LEU B 140 -18.60 4.83 -17.89
C LEU B 140 -19.68 5.10 -18.98
N GLY B 141 -20.88 5.47 -18.56
CA GLY B 141 -22.02 5.80 -19.48
C GLY B 141 -23.22 6.17 -18.66
N LYS B 142 -24.32 6.57 -19.31
CA LYS B 142 -25.60 6.68 -18.64
C LYS B 142 -26.00 5.32 -18.02
N THR B 143 -26.42 5.26 -16.76
CA THR B 143 -26.85 4.00 -16.11
C THR B 143 -28.10 4.26 -15.32
N GLN B 144 -29.20 4.51 -16.06
CA GLN B 144 -30.45 4.97 -15.47
C GLN B 144 -31.07 3.97 -14.52
N TRP B 145 -30.75 2.69 -14.69
CA TRP B 145 -31.32 1.63 -13.82
C TRP B 145 -30.79 1.72 -12.37
N LEU B 146 -29.79 2.57 -12.15
CA LEU B 146 -29.25 2.80 -10.80
C LEU B 146 -29.93 3.96 -10.05
N ASP B 147 -30.72 4.76 -10.75
CA ASP B 147 -31.34 5.93 -10.12
C ASP B 147 -32.30 5.44 -9.01
N GLU B 148 -32.33 6.16 -7.90
CA GLU B 148 -33.13 5.76 -6.73
C GLU B 148 -32.66 4.54 -5.99
N LYS B 149 -31.62 3.87 -6.49
CA LYS B 149 -30.96 2.82 -5.74
C LYS B 149 -29.58 3.24 -5.19
N HIS B 150 -28.87 4.18 -5.85
CA HIS B 150 -27.53 4.59 -5.45
C HIS B 150 -27.51 6.11 -5.35
N VAL B 151 -26.96 6.62 -4.26
CA VAL B 151 -26.92 8.05 -4.07
C VAL B 151 -25.77 8.70 -4.90
N VAL B 152 -26.15 9.52 -5.85
CA VAL B 152 -25.24 10.32 -6.67
C VAL B 152 -24.82 11.54 -5.90
N PHE B 153 -23.52 11.85 -5.90
CA PHE B 153 -23.00 12.95 -5.12
C PHE B 153 -21.96 13.80 -5.75
N GLY B 154 -21.66 13.54 -7.02
CA GLY B 154 -20.61 14.29 -7.67
C GLY B 154 -20.40 13.81 -9.08
N GLU B 155 -19.39 14.39 -9.71
CA GLU B 155 -18.99 14.05 -11.08
C GLU B 155 -17.55 14.37 -11.36
N VAL B 156 -16.98 13.66 -12.34
CA VAL B 156 -15.66 13.93 -12.78
C VAL B 156 -15.62 15.23 -13.56
N VAL B 157 -14.74 16.14 -13.17
CA VAL B 157 -14.61 17.40 -13.94
C VAL B 157 -13.23 17.52 -14.64
N GLU B 158 -12.26 16.69 -14.25
CA GLU B 158 -11.03 16.47 -15.01
C GLU B 158 -10.57 15.04 -14.92
N GLY B 159 -9.99 14.56 -16.01
CA GLY B 159 -9.44 13.23 -16.04
C GLY B 159 -10.44 12.13 -16.31
N MET B 160 -11.53 12.42 -17.02
CA MET B 160 -12.43 11.34 -17.48
C MET B 160 -11.68 10.27 -18.36
N ASP B 161 -10.71 10.73 -19.13
CA ASP B 161 -9.86 9.80 -19.90
C ASP B 161 -9.09 8.82 -18.99
N VAL B 162 -8.75 9.24 -17.76
CA VAL B 162 -8.03 8.36 -16.79
C VAL B 162 -9.03 7.26 -16.31
N VAL B 163 -10.30 7.62 -16.11
CA VAL B 163 -11.37 6.64 -15.86
C VAL B 163 -11.47 5.58 -16.97
N HIS B 164 -11.44 6.02 -18.23
CA HIS B 164 -11.41 5.04 -19.32
C HIS B 164 -10.14 4.17 -19.31
N LYS B 165 -8.98 4.73 -18.93
CA LYS B 165 -7.79 3.89 -18.78
C LYS B 165 -7.99 2.82 -17.75
N ILE B 166 -8.61 3.15 -16.61
CA ILE B 166 -8.87 2.15 -15.58
C ILE B 166 -9.64 0.96 -16.11
N ALA B 167 -10.61 1.26 -16.96
CA ALA B 167 -11.46 0.27 -17.55
C ALA B 167 -10.70 -0.75 -18.39
N LYS B 168 -9.56 -0.34 -18.99
CA LYS B 168 -8.75 -1.28 -19.77
C LYS B 168 -8.21 -2.49 -18.93
N TYR B 169 -8.27 -2.39 -17.60
CA TYR B 169 -7.67 -3.42 -16.71
C TYR B 169 -8.76 -4.30 -16.08
N GLY B 170 -10.00 -4.22 -16.59
CA GLY B 170 -11.08 -5.01 -16.03
C GLY B 170 -11.59 -6.03 -17.00
N SER B 171 -12.84 -6.43 -16.81
CA SER B 171 -13.52 -7.50 -17.60
C SER B 171 -15.03 -7.51 -17.30
N GLU B 172 -15.78 -8.32 -18.05
CA GLU B 172 -17.23 -8.45 -17.89
C GLU B 172 -17.57 -8.81 -16.45
N SER B 173 -16.80 -9.69 -15.84
CA SER B 173 -17.02 -10.14 -14.45
C SER B 173 -16.65 -9.10 -13.40
N GLY B 174 -15.82 -8.12 -13.78
CA GLY B 174 -15.31 -7.12 -12.84
C GLY B 174 -13.93 -7.40 -12.30
N GLN B 175 -13.44 -8.61 -12.54
CA GLN B 175 -12.13 -9.01 -12.06
C GLN B 175 -11.06 -8.14 -12.72
N VAL B 176 -10.00 -7.84 -11.96
CA VAL B 176 -8.95 -6.95 -12.38
C VAL B 176 -7.89 -7.83 -13.04
N LYS B 177 -7.33 -7.36 -14.15
CA LYS B 177 -6.29 -8.08 -14.92
C LYS B 177 -5.21 -8.71 -14.03
N LYS B 178 -4.86 -9.97 -14.29
CA LYS B 178 -3.87 -10.66 -13.49
C LYS B 178 -2.58 -9.85 -13.41
N GLY B 179 -2.02 -9.75 -12.20
CA GLY B 179 -0.74 -9.08 -12.02
C GLY B 179 -0.84 -7.60 -11.81
N TYR B 180 -2.06 -7.06 -11.80
CA TYR B 180 -2.27 -5.62 -11.64
C TYR B 180 -2.99 -5.26 -10.35
N ARG B 181 -2.52 -4.16 -9.75
CA ARG B 181 -3.25 -3.44 -8.72
C ARG B 181 -3.46 -2.04 -9.18
N ILE B 182 -4.71 -1.62 -9.25
CA ILE B 182 -5.04 -0.28 -9.74
C ILE B 182 -5.30 0.58 -8.51
N GLU B 183 -4.33 1.44 -8.15
CA GLU B 183 -4.22 1.99 -6.82
C GLU B 183 -4.47 3.46 -6.82
N ILE B 184 -5.14 3.95 -5.79
CA ILE B 184 -5.22 5.36 -5.55
C ILE B 184 -3.95 5.69 -4.71
N ARG B 185 -2.84 5.98 -5.36
CA ARG B 185 -1.54 6.23 -4.71
C ARG B 185 -1.57 7.51 -3.85
N ASP B 186 -2.28 8.53 -4.29
CA ASP B 186 -2.45 9.71 -3.45
C ASP B 186 -3.80 10.32 -3.76
N CYS B 187 -4.30 11.11 -2.81
CA CYS B 187 -5.60 11.73 -2.93
C CYS B 187 -5.73 12.86 -1.94
N GLY B 188 -6.67 13.77 -2.21
CA GLY B 188 -6.94 14.89 -1.31
C GLY B 188 -7.86 15.93 -1.88
N VAL B 189 -7.86 17.11 -1.27
CA VAL B 189 -8.63 18.28 -1.67
C VAL B 189 -7.72 19.22 -2.50
N LEU B 190 -8.18 19.61 -3.68
CA LEU B 190 -7.35 20.16 -4.76
C LEU B 190 -6.99 21.62 -4.58
N THR C 11 4.12 -43.04 17.62
CA THR C 11 3.53 -42.21 18.71
C THR C 11 2.08 -41.92 18.33
N LEU C 12 1.17 -42.06 19.31
CA LEU C 12 -0.23 -41.66 19.10
C LEU C 12 -0.30 -40.15 18.76
N GLU C 13 0.62 -39.34 19.31
CA GLU C 13 0.66 -37.89 19.01
C GLU C 13 1.14 -37.63 17.57
N ALA C 14 2.02 -38.49 17.06
CA ALA C 14 2.46 -38.40 15.67
C ALA C 14 1.30 -38.71 14.70
N GLN C 15 0.41 -39.63 15.08
CA GLN C 15 -0.65 -40.10 14.19
C GLN C 15 -1.89 -39.18 14.19
N THR C 16 -1.93 -38.29 15.17
CA THR C 16 -3.06 -37.40 15.33
C THR C 16 -2.88 -36.11 14.52
N GLN C 17 -3.78 -35.89 13.60
CA GLN C 17 -3.69 -34.79 12.67
CA GLN C 17 -3.69 -34.78 12.66
C GLN C 17 -4.33 -33.51 13.24
N GLY C 18 -3.83 -32.37 12.77
CA GLY C 18 -4.50 -31.09 13.02
C GLY C 18 -3.56 -29.93 13.17
N PRO C 19 -4.06 -28.70 12.92
CA PRO C 19 -3.22 -27.52 13.06
C PRO C 19 -2.87 -27.20 14.52
N GLY C 20 -1.70 -26.63 14.77
CA GLY C 20 -1.30 -26.19 16.13
C GLY C 20 -1.83 -24.82 16.44
N SER C 21 -2.28 -24.60 17.68
CA SER C 21 -2.79 -23.30 18.14
C SER C 21 -1.66 -22.24 18.27
N MET C 22 -2.03 -20.95 18.41
CA MET C 22 -1.03 -19.84 18.50
C MET C 22 -0.14 -20.06 19.71
N ALA C 23 1.17 -19.93 19.52
CA ALA C 23 2.12 -20.03 20.64
C ALA C 23 1.91 -18.94 21.72
N GLY C 28 7.71 -12.87 20.77
CA GLY C 28 7.47 -13.75 19.64
C GLY C 28 8.14 -13.30 18.36
N ASN C 29 8.56 -14.28 17.55
CA ASN C 29 9.06 -14.00 16.21
C ASN C 29 8.03 -13.28 15.33
N VAL C 30 8.55 -12.46 14.39
CA VAL C 30 7.72 -11.62 13.58
C VAL C 30 7.95 -11.98 12.14
N TYR C 31 7.04 -11.57 11.28
CA TYR C 31 7.13 -11.90 9.84
C TYR C 31 6.79 -10.72 8.92
N PHE C 32 7.32 -10.78 7.70
CA PHE C 32 6.89 -10.01 6.55
C PHE C 32 6.45 -10.91 5.40
N ASP C 33 5.30 -10.59 4.78
CA ASP C 33 4.94 -11.23 3.52
C ASP C 33 5.28 -10.20 2.44
N VAL C 34 6.19 -10.53 1.51
CA VAL C 34 6.76 -9.51 0.62
C VAL C 34 6.26 -9.77 -0.78
N TYR C 35 5.92 -8.69 -1.50
CA TYR C 35 5.45 -8.73 -2.85
C TYR C 35 6.26 -7.79 -3.74
N ALA C 36 6.56 -8.22 -4.98
CA ALA C 36 7.13 -7.35 -6.00
C ALA C 36 6.01 -7.01 -6.99
N ASN C 37 5.49 -5.78 -6.93
CA ASN C 37 4.15 -5.47 -7.53
C ASN C 37 3.14 -6.56 -7.02
N GLU C 38 2.45 -7.30 -7.86
CA GLU C 38 1.55 -8.36 -7.38
C GLU C 38 2.18 -9.76 -7.29
N GLU C 39 3.48 -9.90 -7.53
CA GLU C 39 4.09 -11.21 -7.40
C GLU C 39 4.52 -11.50 -5.93
N SER C 40 3.98 -12.56 -5.37
CA SER C 40 4.36 -12.96 -4.03
C SER C 40 5.79 -13.48 -4.02
N LEU C 41 6.69 -12.84 -3.29
CA LEU C 41 8.04 -13.33 -3.15
C LEU C 41 8.17 -14.35 -2.00
N GLY C 42 7.32 -14.23 -0.98
CA GLY C 42 7.32 -15.20 0.12
C GLY C 42 7.43 -14.51 1.47
N ARG C 43 7.59 -15.32 2.53
CA ARG C 43 7.59 -14.84 3.88
C ARG C 43 8.97 -14.86 4.47
N ILE C 44 9.34 -13.77 5.13
CA ILE C 44 10.53 -13.68 5.95
C ILE C 44 10.10 -13.72 7.42
N VAL C 45 10.76 -14.56 8.22
CA VAL C 45 10.45 -14.69 9.64
C VAL C 45 11.72 -14.35 10.38
N MET C 46 11.60 -13.51 11.40
CA MET C 46 12.74 -12.95 12.09
C MET C 46 12.57 -13.21 13.57
N LYS C 47 13.64 -13.66 14.20
CA LYS C 47 13.77 -13.76 15.64
C LYS C 47 14.41 -12.48 16.17
N LEU C 48 13.86 -11.90 17.24
CA LEU C 48 14.39 -10.68 17.78
C LEU C 48 15.06 -10.98 19.13
N GLU C 49 16.15 -10.27 19.44
CA GLU C 49 16.98 -10.62 20.60
C GLU C 49 16.57 -9.78 21.84
N ASP C 50 15.35 -10.05 22.33
CA ASP C 50 14.76 -9.23 23.41
C ASP C 50 15.54 -9.24 24.73
N ASP C 51 16.27 -10.32 24.98
CA ASP C 51 17.11 -10.47 26.17
C ASP C 51 18.36 -9.57 26.13
N ILE C 52 18.81 -9.21 24.94
CA ILE C 52 20.02 -8.39 24.75
C ILE C 52 19.71 -6.90 24.47
N VAL C 53 18.72 -6.68 23.60
CA VAL C 53 18.29 -5.34 23.20
C VAL C 53 16.77 -5.23 23.30
N PRO C 54 16.26 -5.11 24.55
CA PRO C 54 14.81 -5.17 24.75
C PRO C 54 14.07 -4.00 24.11
N LYS C 55 14.67 -2.81 24.17
CA LYS C 55 14.04 -1.58 23.72
C LYS C 55 13.97 -1.56 22.18
N THR C 56 15.03 -2.08 21.54
CA THR C 56 15.16 -2.09 20.07
C THR C 56 14.23 -3.16 19.47
N ALA C 57 14.22 -4.33 20.10
CA ALA C 57 13.36 -5.40 19.73
C ALA C 57 11.87 -4.95 19.81
N LYS C 58 11.51 -4.36 20.94
CA LYS C 58 10.15 -3.92 21.18
C LYS C 58 9.66 -2.90 20.17
N ASN C 59 10.51 -1.94 19.84
CA ASN C 59 10.23 -1.02 18.78
C ASN C 59 9.85 -1.76 17.51
N PHE C 60 10.70 -2.71 17.13
CA PHE C 60 10.54 -3.37 15.83
C PHE C 60 9.31 -4.28 15.89
N ARG C 61 9.07 -4.96 17.01
CA ARG C 61 7.84 -5.81 17.08
C ARG C 61 6.55 -4.96 16.99
N THR C 62 6.52 -3.84 17.71
CA THR C 62 5.29 -3.04 17.80
C THR C 62 5.00 -2.51 16.42
N LEU C 63 6.06 -2.01 15.76
CA LEU C 63 5.96 -1.51 14.40
C LEU C 63 5.42 -2.58 13.42
N CYS C 64 5.81 -3.83 13.62
CA CYS C 64 5.20 -4.96 12.88
C CYS C 64 3.70 -5.15 13.19
N GLU C 65 3.29 -4.83 14.41
CA GLU C 65 1.89 -5.03 14.81
C GLU C 65 0.95 -3.87 14.51
N ARG C 66 1.50 -2.69 14.26
CA ARG C 66 0.68 -1.54 14.04
C ARG C 66 -0.08 -1.59 12.72
N PRO C 67 -1.14 -0.79 12.61
CA PRO C 67 -1.86 -0.71 11.32
C PRO C 67 -1.08 0.00 10.22
N LYS C 68 -1.51 -0.23 8.97
CA LYS C 68 -0.97 0.43 7.78
C LYS C 68 -0.94 1.92 8.01
N GLY C 69 0.15 2.57 7.63
CA GLY C 69 0.34 3.98 7.89
C GLY C 69 1.03 4.29 9.19
N GLU C 70 1.00 3.34 10.13
CA GLU C 70 1.58 3.56 11.46
C GLU C 70 2.69 2.59 11.75
N GLY C 71 3.06 1.77 10.78
CA GLY C 71 4.19 0.88 10.94
C GLY C 71 4.57 0.33 9.59
N TYR C 72 5.09 -0.89 9.59
CA TYR C 72 5.66 -1.48 8.39
C TYR C 72 4.61 -1.99 7.38
N LYS C 73 3.41 -2.28 7.84
CA LYS C 73 2.39 -2.87 6.96
CA LYS C 73 2.39 -2.85 6.96
C LYS C 73 2.10 -1.87 5.83
N GLY C 74 2.36 -2.30 4.60
CA GLY C 74 2.17 -1.52 3.39
C GLY C 74 3.36 -0.66 2.96
N SER C 75 4.44 -0.75 3.70
CA SER C 75 5.62 0.04 3.42
C SER C 75 6.61 -0.78 2.52
N THR C 76 7.73 -0.18 2.13
CA THR C 76 8.56 -0.78 1.04
C THR C 76 9.98 -1.04 1.47
N PHE C 77 10.69 -1.84 0.66
CA PHE C 77 12.13 -1.89 0.72
C PHE C 77 12.56 -0.84 -0.29
N HIS C 78 13.16 0.25 0.16
CA HIS C 78 13.43 1.40 -0.72
C HIS C 78 14.86 1.51 -1.17
N ARG C 79 15.73 0.71 -0.57
CA ARG C 79 17.16 0.73 -0.88
C ARG C 79 17.69 -0.69 -0.85
N ILE C 80 18.15 -1.16 -2.00
CA ILE C 80 18.51 -2.55 -2.25
C ILE C 80 19.82 -2.62 -3.03
N ILE C 81 20.88 -3.11 -2.35
CA ILE C 81 22.23 -3.19 -2.88
C ILE C 81 22.70 -4.65 -2.92
N PRO C 82 22.63 -5.31 -4.11
CA PRO C 82 22.96 -6.74 -4.18
C PRO C 82 24.38 -6.94 -3.67
N GLY C 83 24.60 -8.04 -2.96
CA GLY C 83 25.90 -8.28 -2.30
C GLY C 83 26.17 -7.54 -0.98
N PHE C 84 25.27 -6.63 -0.59
CA PHE C 84 25.43 -5.87 0.61
C PHE C 84 24.26 -6.05 1.58
N MET C 85 23.12 -5.40 1.31
CA MET C 85 21.97 -5.44 2.24
C MET C 85 20.70 -4.93 1.56
N VAL C 86 19.56 -5.17 2.18
CA VAL C 86 18.29 -4.59 1.76
C VAL C 86 17.73 -3.78 2.92
N GLN C 87 17.15 -2.62 2.61
CA GLN C 87 16.75 -1.67 3.64
C GLN C 87 15.34 -1.24 3.47
N GLY C 88 14.65 -1.08 4.60
CA GLY C 88 13.28 -0.64 4.58
C GLY C 88 12.93 0.03 5.88
N GLY C 89 11.63 0.12 6.14
CA GLY C 89 11.13 0.70 7.34
C GLY C 89 10.77 2.17 7.29
N ASP C 90 11.01 2.87 6.18
CA ASP C 90 10.63 4.28 6.10
C ASP C 90 9.18 4.36 5.64
N TYR C 91 8.28 4.27 6.62
CA TYR C 91 6.87 4.20 6.35
C TYR C 91 6.21 5.57 6.29
N THR C 92 6.95 6.63 6.60
CA THR C 92 6.43 8.00 6.50
C THR C 92 6.89 8.74 5.23
N ALA C 93 8.09 8.46 4.74
CA ALA C 93 8.62 9.12 3.53
C ALA C 93 9.06 8.15 2.39
N HIS C 94 9.20 6.85 2.69
CA HIS C 94 9.51 5.83 1.67
C HIS C 94 10.76 6.07 0.78
N ASN C 95 11.69 6.87 1.29
CA ASN C 95 12.91 7.18 0.54
C ASN C 95 14.15 7.21 1.43
N GLY C 96 13.99 6.83 2.71
CA GLY C 96 15.09 6.86 3.66
C GLY C 96 15.28 8.12 4.52
N THR C 97 14.42 9.11 4.33
CA THR C 97 14.45 10.38 5.09
C THR C 97 13.51 10.37 6.29
N GLY C 98 12.60 9.39 6.35
CA GLY C 98 11.59 9.38 7.36
C GLY C 98 11.56 8.18 8.26
N GLY C 99 10.35 7.81 8.65
CA GLY C 99 10.14 6.75 9.63
C GLY C 99 10.11 7.31 11.04
N ARG C 100 9.67 6.52 12.00
CA ARG C 100 9.47 7.00 13.37
C ARG C 100 9.40 5.82 14.31
N SER C 101 10.16 5.89 15.41
CA SER C 101 10.11 4.86 16.46
C SER C 101 8.84 5.01 17.30
N ILE C 102 8.55 4.01 18.11
CA ILE C 102 7.44 4.08 19.06
C ILE C 102 7.76 4.98 20.28
N TYR C 103 9.00 5.42 20.43
CA TYR C 103 9.41 6.24 21.59
C TYR C 103 9.41 7.73 21.28
N GLY C 104 8.98 8.10 20.08
CA GLY C 104 9.20 9.46 19.59
C GLY C 104 10.06 9.38 18.34
N GLU C 105 10.46 10.52 17.79
CA GLU C 105 11.24 10.53 16.52
C GLU C 105 12.42 9.55 16.55
N LYS C 106 13.35 9.74 17.48
CA LYS C 106 14.57 8.92 17.55
C LYS C 106 14.85 8.35 18.95
N PHE C 107 15.62 7.26 19.03
CA PHE C 107 16.08 6.75 20.31
C PHE C 107 17.56 6.32 20.30
N PRO C 108 18.23 6.30 21.49
CA PRO C 108 19.64 5.97 21.59
C PRO C 108 20.01 4.58 21.14
N ASP C 109 21.26 4.42 20.73
CA ASP C 109 21.88 3.13 20.51
C ASP C 109 21.87 2.31 21.80
N GLU C 110 21.12 1.23 21.81
CA GLU C 110 20.93 0.52 23.07
C GLU C 110 22.26 -0.04 23.55
N ASN C 111 22.92 -0.76 22.64
CA ASN C 111 24.26 -1.35 22.84
C ASN C 111 24.70 -1.99 21.52
N PHE C 112 25.94 -2.45 21.48
CA PHE C 112 26.51 -3.05 20.28
C PHE C 112 26.97 -4.47 20.56
N GLU C 113 26.28 -5.17 21.45
CA GLU C 113 26.69 -6.55 21.79
C GLU C 113 26.69 -7.47 20.58
N LEU C 114 25.65 -7.39 19.74
CA LEU C 114 25.52 -8.32 18.63
C LEU C 114 26.20 -7.77 17.40
N LYS C 115 26.75 -8.66 16.58
CA LYS C 115 27.50 -8.22 15.39
C LYS C 115 26.91 -8.71 14.07
N HIS C 116 27.37 -8.07 13.00
CA HIS C 116 26.97 -8.34 11.65
C HIS C 116 27.83 -9.46 11.07
N THR C 117 27.62 -10.68 11.51
CA THR C 117 28.55 -11.80 11.27
C THR C 117 28.30 -12.64 10.01
N LYS C 118 27.14 -12.42 9.40
CA LYS C 118 26.70 -13.26 8.31
C LYS C 118 25.48 -12.65 7.62
N GLU C 119 25.07 -13.27 6.52
CA GLU C 119 23.80 -12.93 5.84
C GLU C 119 22.63 -13.24 6.79
N GLY C 120 21.56 -12.45 6.65
CA GLY C 120 20.36 -12.60 7.45
C GLY C 120 20.33 -11.81 8.75
N ILE C 121 21.39 -11.02 9.03
CA ILE C 121 21.40 -10.23 10.27
C ILE C 121 20.47 -9.01 10.09
N LEU C 122 19.68 -8.74 11.13
CA LEU C 122 18.70 -7.64 11.14
C LEU C 122 19.22 -6.53 12.04
N SER C 123 19.38 -5.34 11.48
CA SER C 123 20.08 -4.24 12.14
C SER C 123 19.41 -2.90 11.90
N MET C 124 19.65 -1.91 12.78
CA MET C 124 19.00 -0.63 12.63
C MET C 124 19.74 0.25 11.64
N ALA C 125 19.02 0.81 10.68
CA ALA C 125 19.55 1.91 9.90
C ALA C 125 19.52 3.14 10.81
N ASN C 126 20.42 4.06 10.55
CA ASN C 126 20.50 5.28 11.34
C ASN C 126 21.24 6.30 10.48
N CYS C 127 21.34 7.54 10.97
CA CYS C 127 22.09 8.60 10.26
C CYS C 127 23.09 9.15 11.26
N GLY C 128 23.79 8.27 11.97
CA GLY C 128 24.74 8.67 13.02
C GLY C 128 24.33 8.16 14.39
N ALA C 129 25.17 8.46 15.37
CA ALA C 129 24.98 7.96 16.72
C ALA C 129 23.65 8.40 17.29
N HIS C 130 22.90 7.45 17.82
CA HIS C 130 21.70 7.70 18.60
C HIS C 130 20.59 8.32 17.78
N THR C 131 20.46 7.85 16.55
CA THR C 131 19.41 8.29 15.64
C THR C 131 18.50 7.14 15.13
N ASN C 132 18.27 6.11 15.95
CA ASN C 132 17.34 5.04 15.59
C ASN C 132 15.88 5.53 15.45
N GLY C 133 15.25 5.19 14.34
CA GLY C 133 13.86 5.48 14.15
C GLY C 133 13.08 4.20 13.92
N SER C 134 12.69 3.97 12.66
CA SER C 134 12.00 2.74 12.27
C SER C 134 12.71 2.02 11.14
N GLN C 135 13.74 2.64 10.56
CA GLN C 135 14.42 2.03 9.41
C GLN C 135 15.35 0.92 9.85
N PHE C 136 15.41 -0.16 9.06
CA PHE C 136 16.16 -1.36 9.40
C PHE C 136 16.76 -1.87 8.13
N PHE C 137 17.73 -2.73 8.26
CA PHE C 137 18.18 -3.50 7.11
C PHE C 137 18.53 -4.92 7.48
N ILE C 138 18.60 -5.74 6.43
CA ILE C 138 18.93 -7.15 6.53
C ILE C 138 20.10 -7.39 5.63
N THR C 139 21.15 -8.02 6.18
CA THR C 139 22.38 -8.18 5.44
C THR C 139 22.33 -9.30 4.45
N LEU C 140 23.11 -9.16 3.38
CA LEU C 140 23.19 -10.19 2.37
C LEU C 140 24.54 -10.94 2.44
N GLY C 141 25.28 -10.70 3.49
CA GLY C 141 26.53 -11.38 3.74
C GLY C 141 27.09 -10.80 5.01
N LYS C 142 28.32 -11.20 5.34
CA LYS C 142 29.03 -10.66 6.47
C LYS C 142 29.35 -9.20 6.16
N THR C 143 29.01 -8.29 7.08
CA THR C 143 29.32 -6.87 6.92
C THR C 143 29.95 -6.29 8.23
N GLN C 144 31.13 -6.79 8.57
CA GLN C 144 31.72 -6.52 9.87
C GLN C 144 32.13 -5.04 10.07
N TRP C 145 32.29 -4.29 8.98
CA TRP C 145 32.61 -2.88 9.09
C TRP C 145 31.43 -2.07 9.65
N LEU C 146 30.28 -2.71 9.87
CA LEU C 146 29.09 -1.99 10.38
C LEU C 146 28.99 -2.15 11.90
N ASP C 147 29.81 -3.02 12.47
CA ASP C 147 29.77 -3.29 13.89
C ASP C 147 30.20 -2.01 14.64
N GLU C 148 29.57 -1.79 15.78
CA GLU C 148 29.78 -0.62 16.64
C GLU C 148 29.16 0.67 16.13
N LYS C 149 28.49 0.60 14.97
CA LYS C 149 27.83 1.75 14.34
C LYS C 149 26.31 1.54 14.11
N HIS C 150 25.87 0.29 14.01
CA HIS C 150 24.45 -0.02 13.83
C HIS C 150 24.12 -1.10 14.87
N VAL C 151 22.98 -0.94 15.54
CA VAL C 151 22.58 -1.84 16.58
C VAL C 151 21.90 -3.03 15.91
N VAL C 152 22.49 -4.20 16.09
CA VAL C 152 21.94 -5.45 15.64
C VAL C 152 20.94 -5.97 16.68
N PHE C 153 19.76 -6.41 16.21
CA PHE C 153 18.71 -6.83 17.16
C PHE C 153 17.95 -8.09 16.79
N GLY C 154 18.41 -8.80 15.78
CA GLY C 154 17.83 -10.09 15.47
C GLY C 154 18.42 -10.65 14.20
N GLU C 155 17.73 -11.65 13.64
CA GLU C 155 18.16 -12.35 12.43
C GLU C 155 17.03 -13.12 11.77
N VAL C 156 17.21 -13.37 10.49
CA VAL C 156 16.22 -14.05 9.68
C VAL C 156 16.33 -15.53 9.99
N VAL C 157 15.24 -16.13 10.42
CA VAL C 157 15.27 -17.56 10.75
C VAL C 157 14.59 -18.42 9.71
N GLU C 158 13.69 -17.85 8.91
CA GLU C 158 13.14 -18.55 7.75
C GLU C 158 12.94 -17.53 6.63
N GLY C 159 13.12 -17.96 5.39
CA GLY C 159 12.90 -17.11 4.24
C GLY C 159 14.06 -16.24 3.81
N MET C 160 15.29 -16.67 4.11
CA MET C 160 16.48 -16.00 3.56
C MET C 160 16.47 -16.03 2.03
N ASP C 161 15.92 -17.11 1.48
CA ASP C 161 15.58 -17.23 0.08
C ASP C 161 14.76 -16.00 -0.46
N VAL C 162 13.86 -15.44 0.33
CA VAL C 162 13.01 -14.27 -0.08
C VAL C 162 13.88 -13.01 -0.05
N VAL C 163 14.77 -12.92 0.94
CA VAL C 163 15.69 -11.80 1.02
C VAL C 163 16.51 -11.75 -0.27
N HIS C 164 17.04 -12.90 -0.70
CA HIS C 164 17.82 -12.93 -1.92
C HIS C 164 16.97 -12.60 -3.14
N LYS C 165 15.70 -12.99 -3.16
CA LYS C 165 14.83 -12.56 -4.28
C LYS C 165 14.70 -11.04 -4.33
N ILE C 166 14.52 -10.41 -3.18
CA ILE C 166 14.41 -8.96 -3.11
C ILE C 166 15.67 -8.29 -3.70
N ALA C 167 16.87 -8.81 -3.38
CA ALA C 167 18.12 -8.26 -3.93
C ALA C 167 18.13 -8.21 -5.47
N LYS C 168 17.33 -9.05 -6.14
CA LYS C 168 17.28 -9.06 -7.61
C LYS C 168 16.73 -7.77 -8.19
N TYR C 169 16.00 -7.02 -7.36
CA TYR C 169 15.38 -5.77 -7.78
C TYR C 169 16.17 -4.53 -7.42
N GLY C 170 17.40 -4.69 -6.94
CA GLY C 170 18.23 -3.57 -6.57
C GLY C 170 19.32 -3.27 -7.61
N SER C 171 20.32 -2.49 -7.20
CA SER C 171 21.35 -1.98 -8.11
C SER C 171 22.52 -1.50 -7.25
N GLU C 172 23.69 -1.24 -7.84
CA GLU C 172 24.86 -0.83 -7.04
C GLU C 172 24.58 0.45 -6.27
N SER C 173 23.77 1.34 -6.87
CA SER C 173 23.40 2.61 -6.24
C SER C 173 22.33 2.45 -5.17
N GLY C 174 21.73 1.26 -5.04
CA GLY C 174 20.62 1.05 -4.12
C GLY C 174 19.25 1.43 -4.67
N GLN C 175 19.19 1.94 -5.90
CA GLN C 175 17.89 2.37 -6.45
C GLN C 175 17.12 1.12 -6.79
N VAL C 176 15.82 1.12 -6.58
CA VAL C 176 15.00 -0.07 -6.92
C VAL C 176 14.70 -0.05 -8.42
N LYS C 177 14.79 -1.21 -9.07
CA LYS C 177 14.43 -1.34 -10.49
C LYS C 177 13.13 -0.61 -10.80
N LYS C 178 13.20 0.19 -11.85
CA LYS C 178 12.12 1.07 -12.25
C LYS C 178 10.94 0.20 -12.66
N GLY C 179 9.74 0.53 -12.18
CA GLY C 179 8.54 -0.20 -12.49
C GLY C 179 8.10 -1.15 -11.38
N TYR C 180 8.94 -1.32 -10.37
CA TYR C 180 8.66 -2.29 -9.33
C TYR C 180 8.56 -1.63 -7.95
N ARG C 181 7.63 -2.16 -7.16
CA ARG C 181 7.49 -1.78 -5.74
C ARG C 181 7.62 -3.05 -4.93
N ILE C 182 8.61 -3.07 -4.06
CA ILE C 182 8.80 -4.20 -3.21
C ILE C 182 8.13 -3.88 -1.84
N GLU C 183 6.97 -4.48 -1.58
CA GLU C 183 6.10 -4.02 -0.47
C GLU C 183 5.98 -5.08 0.59
N ILE C 184 5.94 -4.66 1.85
CA ILE C 184 5.58 -5.54 2.98
C ILE C 184 4.06 -5.51 3.05
N ARG C 185 3.43 -6.43 2.35
CA ARG C 185 1.99 -6.43 2.27
C ARG C 185 1.27 -6.89 3.56
N ASP C 186 1.87 -7.78 4.33
CA ASP C 186 1.36 -8.06 5.67
C ASP C 186 2.55 -8.34 6.57
N CYS C 187 2.36 -8.08 7.87
CA CYS C 187 3.40 -8.30 8.85
C CYS C 187 2.74 -8.42 10.20
N GLY C 188 3.48 -8.90 11.20
CA GLY C 188 2.92 -9.02 12.54
C GLY C 188 3.78 -9.98 13.34
N VAL C 189 3.29 -10.35 14.50
CA VAL C 189 3.78 -11.48 15.24
C VAL C 189 3.24 -12.75 14.59
N LEU C 190 4.12 -13.71 14.35
CA LEU C 190 3.78 -14.87 13.55
C LEU C 190 2.73 -15.79 14.27
N GLY C 191 2.89 -15.99 15.57
CA GLY C 191 2.10 -17.00 16.32
C GLY C 191 2.85 -18.33 16.35
N SER C 192 4.05 -18.27 15.76
CA SER C 192 4.95 -19.37 15.46
C SER C 192 4.38 -20.75 15.30
N THR D 11 38.26 8.16 15.58
CA THR D 11 38.78 7.86 14.22
C THR D 11 40.01 8.77 13.94
N LEU D 12 41.04 8.19 13.33
CA LEU D 12 42.18 8.96 12.83
C LEU D 12 41.69 9.93 11.76
N GLU D 13 40.73 9.46 10.94
CA GLU D 13 40.07 10.25 9.90
C GLU D 13 39.29 11.42 10.52
N ALA D 14 38.61 11.12 11.64
CA ALA D 14 37.88 12.15 12.39
C ALA D 14 38.81 13.28 12.81
N GLN D 15 39.99 12.88 13.30
CA GLN D 15 40.96 13.79 13.87
C GLN D 15 41.80 14.58 12.84
N THR D 16 41.75 14.19 11.58
CA THR D 16 42.54 14.82 10.54
C THR D 16 41.80 16.02 9.90
N GLN D 17 42.36 17.22 10.04
CA GLN D 17 41.68 18.41 9.57
C GLN D 17 41.90 18.68 8.06
N GLY D 18 40.92 19.36 7.46
CA GLY D 18 41.16 20.02 6.17
C GLY D 18 39.98 19.95 5.27
N PRO D 19 39.98 20.80 4.23
CA PRO D 19 38.81 20.84 3.38
C PRO D 19 38.70 19.67 2.38
N GLY D 20 37.45 19.32 2.06
CA GLY D 20 37.19 18.23 1.11
C GLY D 20 37.28 18.74 -0.32
N SER D 21 37.87 17.93 -1.19
CA SER D 21 37.99 18.25 -2.63
C SER D 21 36.65 18.14 -3.38
N MET D 22 36.58 18.77 -4.56
CA MET D 22 35.34 18.77 -5.38
C MET D 22 34.85 17.33 -5.61
N ALA D 23 33.54 17.13 -5.57
CA ALA D 23 32.94 15.81 -5.84
C ALA D 23 33.06 15.41 -7.33
N GLY D 28 25.09 16.35 -10.38
CA GLY D 28 25.63 17.42 -9.52
C GLY D 28 24.58 18.43 -9.03
N ASN D 29 24.41 18.55 -7.72
CA ASN D 29 23.56 19.60 -7.15
C ASN D 29 24.06 21.01 -7.48
N VAL D 30 23.11 21.94 -7.59
CA VAL D 30 23.38 23.28 -8.05
C VAL D 30 23.01 24.27 -6.97
N TYR D 31 23.50 25.49 -7.07
CA TYR D 31 23.24 26.53 -6.05
C TYR D 31 22.99 27.91 -6.66
N PHE D 32 22.28 28.73 -5.89
CA PHE D 32 22.11 30.15 -6.10
C PHE D 32 22.60 30.88 -4.85
N ASP D 33 23.39 31.94 -5.03
CA ASP D 33 23.70 32.87 -3.96
C ASP D 33 22.84 34.08 -4.26
N VAL D 34 21.93 34.42 -3.34
CA VAL D 34 20.86 35.41 -3.60
C VAL D 34 21.10 36.62 -2.77
N TYR D 35 20.91 37.81 -3.38
CA TYR D 35 21.05 39.11 -2.77
C TYR D 35 19.78 39.95 -2.93
N ALA D 36 19.42 40.72 -1.89
CA ALA D 36 18.38 41.72 -1.95
C ALA D 36 19.09 43.09 -2.03
N ASN D 37 19.19 43.69 -3.21
CA ASN D 37 20.19 44.81 -3.44
C ASN D 37 21.60 44.29 -3.00
N GLU D 38 22.32 44.92 -2.11
CA GLU D 38 23.61 44.42 -1.64
C GLU D 38 23.53 43.56 -0.36
N GLU D 39 22.35 43.22 0.10
CA GLU D 39 22.26 42.37 1.30
C GLU D 39 22.24 40.91 0.89
N SER D 40 23.21 40.15 1.42
CA SER D 40 23.29 38.73 1.16
C SER D 40 22.17 38.02 1.93
N LEU D 41 21.30 37.32 1.19
CA LEU D 41 20.26 36.52 1.79
C LEU D 41 20.73 35.09 2.13
N GLY D 42 21.61 34.52 1.31
CA GLY D 42 22.23 33.23 1.59
C GLY D 42 22.19 32.36 0.33
N ARG D 43 22.54 31.08 0.53
CA ARG D 43 22.66 30.12 -0.54
C ARG D 43 21.51 29.15 -0.53
N ILE D 44 20.94 28.88 -1.70
CA ILE D 44 19.94 27.84 -1.91
C ILE D 44 20.65 26.77 -2.71
N VAL D 45 20.55 25.51 -2.26
CA VAL D 45 21.12 24.37 -2.97
C VAL D 45 20.00 23.46 -3.36
N MET D 46 20.06 22.93 -4.57
CA MET D 46 18.96 22.20 -5.17
C MET D 46 19.48 20.88 -5.74
N LYS D 47 18.73 19.80 -5.46
CA LYS D 47 18.94 18.49 -6.03
C LYS D 47 18.03 18.39 -7.26
N LEU D 48 18.57 17.92 -8.39
CA LEU D 48 17.80 17.79 -9.58
C LEU D 48 17.59 16.31 -9.83
N GLU D 49 16.42 15.94 -10.37
CA GLU D 49 16.03 14.54 -10.46
C GLU D 49 16.36 14.00 -11.86
N ASP D 50 17.66 13.84 -12.12
CA ASP D 50 18.13 13.51 -13.49
C ASP D 50 17.65 12.13 -13.93
N ASP D 51 17.40 11.25 -12.96
CA ASP D 51 16.94 9.89 -13.27
C ASP D 51 15.48 9.86 -13.76
N ILE D 52 14.74 10.95 -13.52
CA ILE D 52 13.31 11.02 -13.85
C ILE D 52 12.98 11.93 -15.03
N VAL D 53 13.69 13.08 -15.06
CA VAL D 53 13.48 14.13 -16.03
C VAL D 53 14.84 14.64 -16.49
N PRO D 54 15.57 13.79 -17.25
CA PRO D 54 16.97 14.11 -17.55
C PRO D 54 17.10 15.34 -18.41
N LYS D 55 16.16 15.56 -19.30
CA LYS D 55 16.19 16.68 -20.23
C LYS D 55 15.94 18.03 -19.52
N THR D 56 15.01 17.99 -18.56
CA THR D 56 14.61 19.19 -17.80
C THR D 56 15.70 19.55 -16.79
N ALA D 57 16.27 18.54 -16.13
CA ALA D 57 17.40 18.69 -15.22
C ALA D 57 18.62 19.29 -15.94
N LYS D 58 18.97 18.74 -17.10
CA LYS D 58 20.12 19.18 -17.87
C LYS D 58 20.02 20.64 -18.28
N ASN D 59 18.84 21.03 -18.76
CA ASN D 59 18.53 22.40 -19.04
C ASN D 59 18.87 23.32 -17.89
N PHE D 60 18.32 23.00 -16.73
CA PHE D 60 18.44 23.85 -15.56
C PHE D 60 19.87 23.88 -15.09
N ARG D 61 20.53 22.73 -14.98
CA ARG D 61 21.94 22.72 -14.57
C ARG D 61 22.81 23.56 -15.52
N THR D 62 22.58 23.41 -16.84
CA THR D 62 23.44 24.07 -17.80
C THR D 62 23.24 25.56 -17.71
N LEU D 63 21.98 25.99 -17.61
CA LEU D 63 21.65 27.38 -17.33
C LEU D 63 22.31 27.95 -16.03
N CYS D 64 22.49 27.11 -15.03
CA CYS D 64 23.27 27.50 -13.84
C CYS D 64 24.75 27.71 -14.16
N GLU D 65 25.27 26.94 -15.13
CA GLU D 65 26.70 26.96 -15.45
C GLU D 65 27.09 28.01 -16.46
N ARG D 66 26.13 28.50 -17.22
CA ARG D 66 26.45 29.44 -18.24
C ARG D 66 26.89 30.81 -17.73
N PRO D 67 27.54 31.58 -18.59
CA PRO D 67 27.91 32.92 -18.10
C PRO D 67 26.75 33.92 -17.98
N LYS D 68 27.00 35.00 -17.25
CA LYS D 68 26.04 36.10 -17.10
C LYS D 68 25.53 36.52 -18.47
N GLY D 69 24.23 36.77 -18.57
CA GLY D 69 23.58 37.06 -19.84
C GLY D 69 23.07 35.86 -20.63
N GLU D 70 23.60 34.67 -20.34
CA GLU D 70 23.29 33.45 -21.08
C GLU D 70 22.68 32.39 -20.19
N GLY D 71 22.36 32.78 -18.95
CA GLY D 71 21.73 31.88 -18.00
C GLY D 71 21.31 32.67 -16.79
N TYR D 72 21.21 31.97 -15.69
CA TYR D 72 20.69 32.53 -14.45
C TYR D 72 21.64 33.53 -13.73
N LYS D 73 22.93 33.44 -13.98
CA LYS D 73 23.86 34.33 -13.29
C LYS D 73 23.57 35.81 -13.58
N GLY D 74 23.18 36.56 -12.55
CA GLY D 74 22.88 37.98 -12.64
C GLY D 74 21.44 38.27 -12.93
N SER D 75 20.61 37.21 -12.99
CA SER D 75 19.20 37.34 -13.26
C SER D 75 18.40 37.42 -11.92
N THR D 76 17.08 37.62 -11.99
CA THR D 76 16.31 38.00 -10.78
C THR D 76 15.21 37.02 -10.48
N PHE D 77 14.63 37.19 -9.29
CA PHE D 77 13.37 36.59 -8.96
C PHE D 77 12.38 37.71 -9.25
N HIS D 78 11.52 37.54 -10.24
CA HIS D 78 10.70 38.69 -10.71
C HIS D 78 9.25 38.62 -10.26
N ARG D 79 8.85 37.48 -9.71
CA ARG D 79 7.47 37.28 -9.30
C ARG D 79 7.49 36.52 -7.99
N ILE D 80 6.99 37.13 -6.91
CA ILE D 80 7.12 36.59 -5.57
C ILE D 80 5.81 36.76 -4.82
N ILE D 81 5.16 35.64 -4.52
CA ILE D 81 3.83 35.63 -3.95
C ILE D 81 3.91 34.87 -2.64
N PRO D 82 3.96 35.58 -1.50
CA PRO D 82 4.08 34.93 -0.18
C PRO D 82 2.97 33.89 0.03
N GLY D 83 3.30 32.78 0.65
CA GLY D 83 2.34 31.68 0.85
C GLY D 83 2.11 30.82 -0.40
N PHE D 84 2.76 31.13 -1.51
CA PHE D 84 2.52 30.43 -2.75
C PHE D 84 3.83 29.94 -3.34
N MET D 85 4.59 30.84 -4.00
CA MET D 85 5.85 30.46 -4.68
C MET D 85 6.70 31.66 -5.02
N VAL D 86 7.95 31.41 -5.37
CA VAL D 86 8.81 32.45 -5.86
C VAL D 86 9.27 32.03 -7.24
N GLN D 87 9.32 32.98 -8.19
CA GLN D 87 9.63 32.65 -9.60
C GLN D 87 10.73 33.48 -10.19
N GLY D 88 11.58 32.82 -10.98
CA GLY D 88 12.65 33.50 -11.68
C GLY D 88 13.03 32.75 -12.94
N GLY D 89 14.24 33.04 -13.42
CA GLY D 89 14.74 32.42 -14.63
C GLY D 89 14.51 33.17 -15.93
N ASP D 90 13.84 34.32 -15.90
CA ASP D 90 13.67 35.13 -17.11
C ASP D 90 14.87 36.06 -17.33
N TYR D 91 15.91 35.50 -17.93
CA TYR D 91 17.20 36.20 -18.01
C TYR D 91 17.36 37.05 -19.25
N THR D 92 16.35 37.02 -20.11
CA THR D 92 16.31 37.86 -21.31
C THR D 92 15.38 39.07 -21.19
N ALA D 93 14.23 38.93 -20.51
CA ALA D 93 13.29 40.06 -20.36
C ALA D 93 12.99 40.46 -18.90
N HIS D 94 13.35 39.62 -17.93
CA HIS D 94 13.25 39.96 -16.52
C HIS D 94 11.84 40.34 -16.00
N ASN D 95 10.81 39.87 -16.68
CA ASN D 95 9.43 40.18 -16.30
C ASN D 95 8.48 39.02 -16.46
N GLY D 96 8.97 37.89 -16.96
CA GLY D 96 8.09 36.75 -17.23
C GLY D 96 7.72 36.48 -18.68
N THR D 97 8.13 37.33 -19.61
CA THR D 97 7.90 37.16 -21.05
C THR D 97 9.02 36.46 -21.80
N GLY D 98 10.21 36.35 -21.20
CA GLY D 98 11.35 35.83 -21.91
C GLY D 98 11.90 34.53 -21.35
N GLY D 99 13.21 34.42 -21.47
CA GLY D 99 13.95 33.24 -21.08
C GLY D 99 14.10 32.36 -22.28
N ARG D 100 15.05 31.46 -22.23
CA ARG D 100 15.26 30.56 -23.35
C ARG D 100 15.90 29.29 -22.80
N SER D 101 15.46 28.12 -23.27
CA SER D 101 16.07 26.82 -22.94
C SER D 101 17.35 26.63 -23.73
N ILE D 102 18.12 25.62 -23.38
CA ILE D 102 19.32 25.23 -24.13
C ILE D 102 18.99 24.42 -25.41
N TYR D 103 17.71 24.09 -25.60
CA TYR D 103 17.29 23.25 -26.71
C TYR D 103 16.70 24.09 -27.83
N GLY D 104 16.84 25.41 -27.75
CA GLY D 104 16.05 26.31 -28.59
C GLY D 104 15.06 27.01 -27.69
N GLU D 105 14.11 27.72 -28.28
CA GLU D 105 13.21 28.60 -27.49
C GLU D 105 12.45 27.82 -26.40
N LYS D 106 11.64 26.87 -26.83
CA LYS D 106 10.81 26.11 -25.93
C LYS D 106 11.03 24.62 -26.13
N PHE D 107 10.65 23.82 -25.13
CA PHE D 107 10.72 22.38 -25.25
C PHE D 107 9.53 21.70 -24.54
N PRO D 108 9.22 20.44 -24.92
CA PRO D 108 8.06 19.71 -24.44
C PRO D 108 8.12 19.33 -22.98
N ASP D 109 6.94 19.25 -22.37
CA ASP D 109 6.78 18.61 -21.08
C ASP D 109 7.35 17.17 -21.09
N GLU D 110 8.38 16.96 -20.30
CA GLU D 110 9.09 15.69 -20.36
C GLU D 110 8.20 14.60 -19.76
N ASN D 111 7.69 14.87 -18.55
CA ASN D 111 6.68 14.03 -17.87
C ASN D 111 6.19 14.70 -16.58
N PHE D 112 5.15 14.13 -15.96
CA PHE D 112 4.57 14.70 -14.73
C PHE D 112 4.66 13.71 -13.58
N GLU D 113 5.72 12.95 -13.56
CA GLU D 113 5.92 11.93 -12.56
C GLU D 113 6.01 12.54 -11.18
N LEU D 114 6.74 13.64 -11.04
CA LEU D 114 6.97 14.24 -9.73
C LEU D 114 5.93 15.31 -9.43
N LYS D 115 5.55 15.42 -8.16
CA LYS D 115 4.46 16.30 -7.78
C LYS D 115 4.90 17.39 -6.79
N HIS D 116 4.02 18.39 -6.68
CA HIS D 116 4.21 19.57 -5.88
C HIS D 116 3.73 19.29 -4.46
N THR D 117 4.44 18.41 -3.76
CA THR D 117 3.97 17.84 -2.47
C THR D 117 4.20 18.71 -1.23
N LYS D 118 5.14 19.64 -1.33
CA LYS D 118 5.57 20.41 -0.17
C LYS D 118 6.32 21.71 -0.60
N GLU D 119 6.66 22.53 0.38
CA GLU D 119 7.56 23.67 0.19
C GLU D 119 8.90 23.15 -0.29
N GLY D 120 9.59 23.97 -1.09
CA GLY D 120 10.88 23.63 -1.61
C GLY D 120 10.90 22.88 -2.93
N ILE D 121 9.74 22.58 -3.51
CA ILE D 121 9.72 21.87 -4.78
C ILE D 121 10.14 22.82 -5.91
N LEU D 122 10.99 22.33 -6.80
CA LEU D 122 11.49 23.10 -7.93
C LEU D 122 10.79 22.64 -9.21
N SER D 123 10.13 23.55 -9.90
CA SER D 123 9.22 23.22 -10.99
C SER D 123 9.31 24.23 -12.12
N MET D 124 9.00 23.82 -13.34
CA MET D 124 9.16 24.68 -14.49
C MET D 124 8.00 25.62 -14.57
N ALA D 125 8.26 26.91 -14.80
CA ALA D 125 7.13 27.79 -15.15
C ALA D 125 6.86 27.63 -16.63
N ASN D 126 5.67 27.99 -17.06
CA ASN D 126 5.31 27.81 -18.46
C ASN D 126 4.11 28.65 -18.79
N CYS D 127 3.70 28.66 -20.07
CA CYS D 127 2.52 29.42 -20.50
C CYS D 127 1.59 28.49 -21.28
N GLY D 128 1.53 27.24 -20.86
CA GLY D 128 0.68 26.22 -21.51
C GLY D 128 1.48 24.93 -21.73
N ALA D 129 0.82 23.91 -22.29
CA ALA D 129 1.47 22.66 -22.59
C ALA D 129 2.68 22.88 -23.50
N HIS D 130 3.78 22.27 -23.13
CA HIS D 130 4.96 22.21 -23.97
C HIS D 130 5.55 23.58 -24.29
N THR D 131 5.63 24.46 -23.28
CA THR D 131 6.22 25.77 -23.41
C THR D 131 7.36 26.02 -22.40
N ASN D 132 8.12 24.98 -22.07
CA ASN D 132 9.26 25.16 -21.17
C ASN D 132 10.40 25.94 -21.81
N GLY D 133 10.87 26.97 -21.09
CA GLY D 133 12.04 27.69 -21.50
C GLY D 133 13.09 27.64 -20.40
N SER D 134 13.22 28.74 -19.65
CA SER D 134 14.18 28.80 -18.54
C SER D 134 13.55 29.22 -17.23
N GLN D 135 12.29 29.68 -17.26
CA GLN D 135 11.63 30.14 -16.05
C GLN D 135 11.24 28.97 -15.13
N PHE D 136 11.45 29.13 -13.84
CA PHE D 136 11.19 28.08 -12.84
C PHE D 136 10.55 28.77 -11.66
N PHE D 137 10.01 27.99 -10.74
CA PHE D 137 9.66 28.47 -9.41
C PHE D 137 9.92 27.45 -8.33
N ILE D 138 9.93 27.97 -7.10
CA ILE D 138 10.16 27.19 -5.93
C ILE D 138 8.96 27.43 -5.06
N THR D 139 8.31 26.34 -4.62
CA THR D 139 7.07 26.47 -3.86
C THR D 139 7.33 26.82 -2.42
N LEU D 140 6.36 27.50 -1.82
CA LEU D 140 6.44 27.92 -0.43
C LEU D 140 5.49 27.08 0.44
N GLY D 141 4.94 26.03 -0.14
CA GLY D 141 4.07 25.09 0.59
C GLY D 141 3.56 24.11 -0.42
N LYS D 142 2.63 23.24 -0.02
CA LYS D 142 2.08 22.28 -0.95
C LYS D 142 1.23 22.99 -1.98
N THR D 143 1.42 22.69 -3.26
CA THR D 143 0.62 23.31 -4.29
C THR D 143 0.09 22.27 -5.29
N GLN D 144 -0.67 21.31 -4.75
CA GLN D 144 -1.10 20.15 -5.49
C GLN D 144 -1.90 20.47 -6.76
N TRP D 145 -2.58 21.61 -6.80
CA TRP D 145 -3.35 21.98 -7.96
C TRP D 145 -2.46 22.27 -9.18
N LEU D 146 -1.13 22.30 -9.03
CA LEU D 146 -0.22 22.56 -10.17
C LEU D 146 0.25 21.27 -10.82
N ASP D 147 -0.03 20.15 -10.17
CA ASP D 147 0.37 18.82 -10.65
C ASP D 147 -0.26 18.55 -12.02
N GLU D 148 0.48 17.84 -12.88
CA GLU D 148 0.11 17.57 -14.26
C GLU D 148 0.02 18.78 -15.19
N LYS D 149 0.41 19.95 -14.67
CA LYS D 149 0.49 21.18 -15.46
C LYS D 149 1.93 21.75 -15.52
N HIS D 150 2.75 21.50 -14.50
CA HIS D 150 4.12 22.00 -14.46
C HIS D 150 5.01 20.81 -14.14
N VAL D 151 6.14 20.73 -14.81
CA VAL D 151 7.04 19.60 -14.65
C VAL D 151 7.92 19.92 -13.47
N VAL D 152 7.78 19.12 -12.42
CA VAL D 152 8.64 19.14 -11.27
C VAL D 152 9.94 18.44 -11.61
N PHE D 153 11.08 19.06 -11.26
CA PHE D 153 12.38 18.44 -11.63
C PHE D 153 13.43 18.47 -10.52
N GLY D 154 13.03 18.91 -9.34
CA GLY D 154 13.96 18.83 -8.22
C GLY D 154 13.36 19.41 -6.95
N GLU D 155 14.25 19.66 -5.99
CA GLU D 155 13.85 20.24 -4.70
C GLU D 155 15.02 20.91 -3.98
N VAL D 156 14.68 21.85 -3.11
CA VAL D 156 15.65 22.62 -2.34
C VAL D 156 16.12 21.69 -1.24
N VAL D 157 17.42 21.45 -1.12
CA VAL D 157 17.97 20.57 -0.05
C VAL D 157 18.71 21.34 1.03
N GLU D 158 19.11 22.59 0.77
CA GLU D 158 19.60 23.49 1.81
C GLU D 158 19.19 24.90 1.44
N GLY D 159 18.92 25.72 2.45
CA GLY D 159 18.62 27.13 2.26
C GLY D 159 17.16 27.42 1.99
N MET D 160 16.25 26.60 2.50
CA MET D 160 14.82 26.88 2.42
C MET D 160 14.50 28.17 3.21
N ASP D 161 15.24 28.38 4.29
CA ASP D 161 15.29 29.64 5.02
C ASP D 161 15.53 30.85 4.09
N VAL D 162 16.38 30.70 3.09
CA VAL D 162 16.67 31.79 2.10
C VAL D 162 15.45 31.97 1.17
N VAL D 163 14.79 30.87 0.80
CA VAL D 163 13.59 30.99 -0.01
C VAL D 163 12.55 31.78 0.81
N HIS D 164 12.40 31.46 2.10
CA HIS D 164 11.44 32.24 2.91
C HIS D 164 11.79 33.72 3.01
N LYS D 165 13.08 34.06 3.09
CA LYS D 165 13.49 35.47 3.07
C LYS D 165 13.10 36.15 1.81
N ILE D 166 13.28 35.50 0.67
CA ILE D 166 12.89 36.08 -0.60
C ILE D 166 11.40 36.45 -0.63
N ALA D 167 10.56 35.55 -0.10
CA ALA D 167 9.11 35.76 -0.06
C ALA D 167 8.73 37.07 0.67
N LYS D 168 9.55 37.51 1.60
CA LYS D 168 9.36 38.78 2.31
C LYS D 168 9.30 39.99 1.37
N TYR D 169 9.88 39.86 0.16
CA TYR D 169 9.95 40.97 -0.80
C TYR D 169 8.83 40.94 -1.83
N GLY D 170 7.88 40.04 -1.65
CA GLY D 170 6.80 39.85 -2.58
C GLY D 170 5.53 40.54 -2.12
N SER D 171 4.43 40.19 -2.77
CA SER D 171 3.14 40.83 -2.64
C SER D 171 2.07 39.91 -3.20
N GLU D 172 0.81 40.18 -2.89
CA GLU D 172 -0.29 39.28 -3.30
C GLU D 172 -0.33 39.26 -4.82
N SER D 173 0.01 40.37 -5.47
CA SER D 173 0.02 40.43 -6.93
C SER D 173 1.27 39.78 -7.56
N GLY D 174 2.29 39.48 -6.76
CA GLY D 174 3.54 38.92 -7.27
C GLY D 174 4.56 40.01 -7.57
N GLN D 175 4.15 41.26 -7.48
CA GLN D 175 5.08 42.37 -7.77
C GLN D 175 6.17 42.42 -6.69
N VAL D 176 7.40 42.65 -7.07
CA VAL D 176 8.52 42.73 -6.10
C VAL D 176 8.50 44.10 -5.41
N LYS D 177 8.71 44.15 -4.09
CA LYS D 177 8.72 45.42 -3.33
C LYS D 177 9.58 46.49 -4.01
N LYS D 178 9.02 47.70 -4.15
CA LYS D 178 9.64 48.74 -4.96
C LYS D 178 10.94 49.14 -4.28
N GLY D 179 12.03 49.25 -5.05
CA GLY D 179 13.35 49.67 -4.53
C GLY D 179 14.32 48.50 -4.34
N TYR D 180 13.80 47.28 -4.49
CA TYR D 180 14.58 46.08 -4.29
C TYR D 180 14.72 45.22 -5.56
N ARG D 181 15.92 44.66 -5.71
CA ARG D 181 16.23 43.70 -6.76
C ARG D 181 16.71 42.43 -6.07
N ILE D 182 15.99 41.33 -6.32
CA ILE D 182 16.34 40.06 -5.76
C ILE D 182 17.13 39.29 -6.83
N GLU D 183 18.45 39.21 -6.66
CA GLU D 183 19.34 38.78 -7.76
C GLU D 183 20.06 37.50 -7.42
N ILE D 184 20.20 36.61 -8.42
CA ILE D 184 21.06 35.43 -8.28
C ILE D 184 22.44 35.89 -8.65
N ARG D 185 23.20 36.30 -7.67
CA ARG D 185 24.48 36.92 -7.95
C ARG D 185 25.55 35.88 -8.36
N ASP D 186 25.40 34.64 -7.92
CA ASP D 186 26.28 33.61 -8.47
C ASP D 186 25.50 32.34 -8.43
N CYS D 187 25.85 31.41 -9.33
CA CYS D 187 25.21 30.13 -9.36
C CYS D 187 26.13 29.16 -10.12
N GLY D 188 25.81 27.88 -10.04
CA GLY D 188 26.61 26.86 -10.71
C GLY D 188 26.32 25.50 -10.13
N VAL D 189 27.13 24.54 -10.53
CA VAL D 189 27.24 23.27 -9.84
C VAL D 189 28.04 23.46 -8.54
N LEU D 190 27.51 22.96 -7.45
CA LEU D 190 28.10 23.29 -6.14
C LEU D 190 29.49 22.63 -5.97
N GLY D 191 29.68 21.40 -6.46
CA GLY D 191 30.94 20.64 -6.25
C GLY D 191 30.77 19.83 -4.95
N SER D 192 29.50 19.71 -4.57
CA SER D 192 29.04 19.36 -3.24
C SER D 192 30.05 19.28 -2.15
#